data_4Z9Y
#
_entry.id   4Z9Y
#
_cell.length_a   68.728
_cell.length_b   72.655
_cell.length_c   99.048
_cell.angle_alpha   90.00
_cell.angle_beta   90.81
_cell.angle_gamma   90.00
#
_symmetry.space_group_name_H-M   'P 1 21 1'
#
loop_
_entity.id
_entity.type
_entity.pdbx_description
1 polymer '2-deoxy-D-gluconate 3-dehydrogenase'
2 non-polymer 'SULFATE ION'
3 water water
#
_entity_poly.entity_id   1
_entity_poly.type   'polypeptide(L)'
_entity_poly.pdbx_seq_one_letter_code
;MILNSFDLQGKVALITGCDTGLGQGMAIGLAQAGCDIVGVNIVEPKDTIEKVTALGRRFLSLTADMSNVSGHAELVEKAV
AEFGHVDILVNNAGIIRREDAIEFSEKNWDDVMNLNIKSVFFMSQTVARQFIKQGKGGKIINIASMLSFQGGIRVPSYTA
SKSAVMGVTRLMANEWAKHGINVNAIAPGYMATNNTQQLRADEERSKEILDRIPAGRWGLPQDLMGPSVFLASSASDYIN
GYTIAVDGGWLAR
;
_entity_poly.pdbx_strand_id   A,B,C,D
#
loop_
_chem_comp.id
_chem_comp.type
_chem_comp.name
_chem_comp.formula
SO4 non-polymer 'SULFATE ION' 'O4 S -2'
#
# COMPACT_ATOMS: atom_id res chain seq x y z
N MET A 1 3.56 11.25 32.86
CA MET A 1 2.21 10.64 32.84
C MET A 1 1.54 10.87 31.48
N ILE A 2 1.22 9.78 30.80
CA ILE A 2 0.88 9.84 29.37
C ILE A 2 -0.29 10.75 29.02
N LEU A 3 -1.28 10.89 29.89
CA LEU A 3 -2.43 11.72 29.54
C LEU A 3 -1.97 13.18 29.32
N ASN A 4 -0.90 13.60 30.00
CA ASN A 4 -0.38 14.96 29.81
C ASN A 4 0.12 15.17 28.37
N SER A 5 0.55 14.10 27.71
CA SER A 5 1.05 14.19 26.33
C SER A 5 -0.01 14.59 25.31
N PHE A 6 -1.29 14.39 25.63
CA PHE A 6 -2.38 14.75 24.73
C PHE A 6 -2.84 16.18 24.94
N ASP A 7 -2.44 16.78 26.06
CA ASP A 7 -2.90 18.09 26.48
C ASP A 7 -2.24 19.17 25.64
N LEU A 8 -3.05 19.99 24.98
CA LEU A 8 -2.55 21.02 24.08
C LEU A 8 -2.68 22.42 24.68
N GLN A 9 -2.73 22.51 26.02
CA GLN A 9 -2.77 23.81 26.65
C GLN A 9 -1.58 24.63 26.18
N GLY A 10 -1.82 25.90 25.88
CA GLY A 10 -0.78 26.81 25.45
C GLY A 10 -0.39 26.71 23.98
N LYS A 11 -1.04 25.80 23.23
CA LYS A 11 -0.70 25.62 21.83
C LYS A 11 -1.57 26.49 20.95
N VAL A 12 -1.12 26.72 19.73
CA VAL A 12 -1.82 27.55 18.75
C VAL A 12 -1.96 26.73 17.48
N ALA A 13 -3.18 26.53 17.03
CA ALA A 13 -3.45 25.74 15.82
C ALA A 13 -4.10 26.61 14.75
N LEU A 14 -3.55 26.54 13.55
CA LEU A 14 -4.11 27.21 12.38
C LEU A 14 -4.79 26.15 11.54
N ILE A 15 -6.11 26.31 11.38
CA ILE A 15 -6.92 25.35 10.63
C ILE A 15 -7.58 26.08 9.46
N THR A 16 -7.32 25.61 8.25
CA THR A 16 -7.94 26.17 7.05
C THR A 16 -9.26 25.43 6.78
N GLY A 17 -10.31 26.16 6.47
CA GLY A 17 -11.60 25.56 6.20
C GLY A 17 -12.24 24.97 7.44
N CYS A 18 -12.58 25.80 8.40
CA CYS A 18 -13.17 25.33 9.64
C CYS A 18 -14.50 26.03 10.02
N ASP A 19 -15.20 26.53 9.01
CA ASP A 19 -16.53 27.06 9.22
C ASP A 19 -17.57 25.95 9.37
N THR A 20 -17.38 24.81 8.72
CA THR A 20 -18.36 23.72 8.72
C THR A 20 -17.71 22.35 8.72
N GLY A 21 -18.52 21.31 8.89
CA GLY A 21 -18.11 19.96 8.61
C GLY A 21 -16.88 19.50 9.37
N LEU A 22 -16.01 18.81 8.65
CA LEU A 22 -14.84 18.19 9.25
C LEU A 22 -13.87 19.20 9.84
N GLY A 23 -13.65 20.31 9.13
CA GLY A 23 -12.75 21.33 9.62
C GLY A 23 -13.23 21.95 10.91
N GLN A 24 -14.54 22.19 11.00
CA GLN A 24 -15.12 22.73 12.22
C GLN A 24 -14.91 21.74 13.37
N GLY A 25 -15.18 20.47 13.11
CA GLY A 25 -14.95 19.45 14.12
C GLY A 25 -13.54 19.45 14.65
N MET A 26 -12.55 19.48 13.74
CA MET A 26 -11.16 19.48 14.16
C MET A 26 -10.80 20.75 14.95
N ALA A 27 -11.31 21.91 14.52
CA ALA A 27 -11.06 23.16 15.25
C ALA A 27 -11.59 23.05 16.67
N ILE A 28 -12.82 22.55 16.81
CA ILE A 28 -13.45 22.44 18.14
C ILE A 28 -12.69 21.43 19.01
N GLY A 29 -12.33 20.31 18.42
CA GLY A 29 -11.52 19.30 19.11
C GLY A 29 -10.21 19.84 19.62
N LEU A 30 -9.48 20.54 18.76
CA LEU A 30 -8.21 21.11 19.16
C LEU A 30 -8.38 22.15 20.27
N ALA A 31 -9.45 22.93 20.18
CA ALA A 31 -9.77 23.92 21.22
C ALA A 31 -10.14 23.24 22.55
N GLN A 32 -10.91 22.16 22.49
CA GLN A 32 -11.28 21.43 23.71
C GLN A 32 -10.01 20.87 24.37
N ALA A 33 -9.00 20.55 23.57
CA ALA A 33 -7.72 20.05 24.09
C ALA A 33 -6.77 21.13 24.60
N GLY A 34 -7.16 22.40 24.42
CA GLY A 34 -6.40 23.51 24.96
C GLY A 34 -5.87 24.53 23.97
N CYS A 35 -6.06 24.30 22.67
CA CYS A 35 -5.50 25.16 21.66
C CYS A 35 -6.27 26.46 21.50
N ASP A 36 -5.55 27.55 21.34
CA ASP A 36 -6.13 28.74 20.69
C ASP A 36 -6.11 28.47 19.19
N ILE A 37 -7.10 29.03 18.49
CA ILE A 37 -7.36 28.67 17.09
C ILE A 37 -7.21 29.88 16.17
N VAL A 38 -6.51 29.68 15.06
CA VAL A 38 -6.49 30.63 13.95
C VAL A 38 -7.23 29.97 12.79
N GLY A 39 -8.36 30.55 12.38
CA GLY A 39 -9.14 30.04 11.27
C GLY A 39 -8.82 30.79 10.00
N VAL A 40 -8.76 30.08 8.87
CA VAL A 40 -8.71 30.72 7.54
C VAL A 40 -9.89 30.21 6.73
N ASN A 41 -10.79 31.12 6.37
CA ASN A 41 -12.06 30.77 5.75
C ASN A 41 -12.47 31.80 4.71
N ILE A 42 -13.45 31.44 3.89
CA ILE A 42 -14.01 32.37 2.92
C ILE A 42 -15.08 33.27 3.54
N VAL A 43 -15.68 32.83 4.63
CA VAL A 43 -16.65 33.62 5.37
C VAL A 43 -16.34 33.51 6.84
N GLU A 44 -16.78 34.49 7.63
CA GLU A 44 -16.63 34.43 9.08
C GLU A 44 -17.28 33.15 9.61
N PRO A 45 -16.50 32.31 10.31
CA PRO A 45 -17.07 31.06 10.79
C PRO A 45 -17.81 31.28 12.11
N LYS A 46 -18.99 31.89 12.05
CA LYS A 46 -19.68 32.34 13.27
C LYS A 46 -19.88 31.24 14.29
N ASP A 47 -20.38 30.09 13.84
CA ASP A 47 -20.68 28.97 14.76
C ASP A 47 -19.40 28.45 15.39
N THR A 48 -18.36 28.27 14.59
CA THR A 48 -17.09 27.79 15.16
C THR A 48 -16.50 28.75 16.19
N ILE A 49 -16.56 30.05 15.90
CA ILE A 49 -16.09 31.07 16.84
C ILE A 49 -16.88 30.98 18.16
N GLU A 50 -18.20 30.81 18.06
CA GLU A 50 -19.05 30.73 19.25
C GLU A 50 -18.63 29.55 20.10
N LYS A 51 -18.45 28.41 19.45
CA LYS A 51 -18.11 27.16 20.14
C LYS A 51 -16.71 27.21 20.75
N VAL A 52 -15.74 27.76 20.01
CA VAL A 52 -14.39 27.85 20.53
C VAL A 52 -14.29 28.83 21.70
N THR A 53 -14.90 30.01 21.56
CA THR A 53 -14.82 31.01 22.62
C THR A 53 -15.59 30.56 23.87
N ALA A 54 -16.61 29.73 23.68
CA ALA A 54 -17.38 29.16 24.80
C ALA A 54 -16.52 28.26 25.67
N LEU A 55 -15.46 27.69 25.07
CA LEU A 55 -14.49 26.89 25.83
C LEU A 55 -13.47 27.72 26.62
N GLY A 56 -13.48 29.03 26.46
CA GLY A 56 -12.49 29.90 27.10
C GLY A 56 -11.23 30.06 26.28
N ARG A 57 -11.28 29.61 25.02
CA ARG A 57 -10.14 29.74 24.12
C ARG A 57 -10.36 30.92 23.19
N ARG A 58 -9.26 31.36 22.58
CA ARG A 58 -9.30 32.48 21.64
C ARG A 58 -9.38 31.97 20.19
N PHE A 59 -10.03 32.76 19.36
CA PHE A 59 -10.18 32.44 17.93
C PHE A 59 -9.80 33.68 17.13
N LEU A 60 -8.80 33.56 16.27
CA LEU A 60 -8.46 34.61 15.33
C LEU A 60 -9.03 34.23 13.99
N SER A 61 -9.98 35.02 13.50
CA SER A 61 -10.68 34.69 12.26
C SER A 61 -10.08 35.45 11.09
N LEU A 62 -9.43 34.72 10.20
CA LEU A 62 -8.89 35.30 8.97
C LEU A 62 -9.75 34.89 7.78
N THR A 63 -10.04 35.86 6.92
CA THR A 63 -10.79 35.61 5.70
C THR A 63 -9.86 35.74 4.51
N ALA A 64 -9.71 34.65 3.77
CA ALA A 64 -8.79 34.62 2.63
C ALA A 64 -9.06 33.42 1.74
N ASP A 65 -8.59 33.53 0.51
CA ASP A 65 -8.61 32.45 -0.46
C ASP A 65 -7.31 31.67 -0.35
N MET A 66 -7.38 30.47 0.21
CA MET A 66 -6.19 29.64 0.39
C MET A 66 -5.45 29.30 -0.89
N SER A 67 -6.11 29.32 -2.04
CA SER A 67 -5.45 29.02 -3.30
C SER A 67 -4.41 30.07 -3.69
N ASN A 68 -4.51 31.26 -3.11
CA ASN A 68 -3.56 32.32 -3.42
C ASN A 68 -2.27 32.17 -2.60
N VAL A 69 -1.28 31.50 -3.14
CA VAL A 69 -0.09 31.15 -2.38
C VAL A 69 0.73 32.38 -1.97
N SER A 70 0.65 33.46 -2.74
CA SER A 70 1.35 34.69 -2.35
C SER A 70 0.84 35.29 -1.05
N GLY A 71 -0.39 34.94 -0.64
CA GLY A 71 -0.99 35.46 0.58
C GLY A 71 -0.71 34.68 1.85
N HIS A 72 -0.07 33.52 1.75
CA HIS A 72 0.09 32.64 2.93
C HIS A 72 0.96 33.23 4.02
N ALA A 73 2.05 33.88 3.62
CA ALA A 73 2.97 34.45 4.62
C ALA A 73 2.24 35.43 5.52
N GLU A 74 1.39 36.27 4.94
CA GLU A 74 0.63 37.24 5.71
C GLU A 74 -0.29 36.58 6.73
N LEU A 75 -0.90 35.46 6.34
CA LEU A 75 -1.78 34.75 7.25
C LEU A 75 -1.02 34.26 8.47
N VAL A 76 0.16 33.70 8.24
CA VAL A 76 0.98 33.17 9.33
C VAL A 76 1.51 34.32 10.19
N GLU A 77 1.90 35.43 9.55
CA GLU A 77 2.36 36.61 10.30
C GLU A 77 1.32 37.18 11.26
N LYS A 78 0.05 37.22 10.85
CA LYS A 78 -1.03 37.66 11.72
C LYS A 78 -1.19 36.75 12.94
N ALA A 79 -1.10 35.45 12.70
CA ALA A 79 -1.20 34.45 13.76
C ALA A 79 -0.08 34.61 14.77
N VAL A 80 1.15 34.73 14.25
CA VAL A 80 2.32 34.90 15.10
C VAL A 80 2.25 36.23 15.85
N ALA A 81 1.78 37.28 15.21
CA ALA A 81 1.60 38.55 15.92
C ALA A 81 0.66 38.45 17.13
N GLU A 82 -0.47 37.76 16.97
CA GLU A 82 -1.42 37.69 18.08
C GLU A 82 -0.90 36.81 19.20
N PHE A 83 -0.45 35.61 18.86
CA PHE A 83 -0.18 34.60 19.86
C PHE A 83 1.29 34.39 20.17
N GLY A 84 2.16 34.94 19.33
CA GLY A 84 3.61 34.79 19.51
C GLY A 84 4.22 33.60 18.80
N HIS A 85 3.39 32.66 18.39
CA HIS A 85 3.88 31.41 17.81
C HIS A 85 2.72 30.65 17.16
N VAL A 86 3.04 29.74 16.24
CA VAL A 86 2.07 28.82 15.68
C VAL A 86 2.68 27.44 15.82
N ASP A 87 1.90 26.48 16.30
CA ASP A 87 2.44 25.16 16.66
C ASP A 87 1.89 24.02 15.83
N ILE A 88 0.70 24.20 15.25
CA ILE A 88 -0.05 23.16 14.56
C ILE A 88 -0.70 23.76 13.33
N LEU A 89 -0.63 23.05 12.20
CA LEU A 89 -1.32 23.43 10.96
C LEU A 89 -2.20 22.27 10.54
N VAL A 90 -3.47 22.54 10.26
CA VAL A 90 -4.37 21.54 9.67
C VAL A 90 -4.80 22.07 8.31
N ASN A 91 -4.37 21.40 7.24
CA ASN A 91 -4.61 21.82 5.87
C ASN A 91 -5.91 21.22 5.38
N ASN A 92 -7.03 21.71 5.91
CA ASN A 92 -8.32 21.12 5.60
C ASN A 92 -9.07 21.76 4.42
N ALA A 93 -8.73 23.00 4.05
CA ALA A 93 -9.47 23.69 2.98
C ALA A 93 -9.32 22.92 1.69
N GLY A 94 -10.46 22.51 1.12
CA GLY A 94 -10.47 21.71 -0.08
C GLY A 94 -11.79 21.78 -0.81
N ILE A 95 -11.79 21.41 -2.08
CA ILE A 95 -13.01 21.32 -2.88
C ILE A 95 -13.02 20.03 -3.73
N ILE A 96 -14.16 19.79 -4.36
CA ILE A 96 -14.30 18.63 -5.23
C ILE A 96 -15.13 19.05 -6.42
N ARG A 97 -14.81 18.51 -7.59
CA ARG A 97 -15.59 18.78 -8.80
C ARG A 97 -15.90 17.45 -9.48
N ARG A 98 -17.19 17.20 -9.72
CA ARG A 98 -17.62 15.94 -10.31
C ARG A 98 -18.06 16.14 -11.75
N GLU A 99 -17.42 15.40 -12.65
CA GLU A 99 -17.67 15.48 -14.09
C GLU A 99 -17.05 14.25 -14.74
N ASP A 100 -17.71 13.68 -15.74
CA ASP A 100 -17.13 12.50 -16.38
C ASP A 100 -15.69 12.78 -16.78
N ALA A 101 -14.81 11.83 -16.55
CA ALA A 101 -13.39 12.02 -16.85
C ALA A 101 -13.18 12.35 -18.32
N ILE A 102 -13.99 11.76 -19.19
CA ILE A 102 -13.82 11.98 -20.64
C ILE A 102 -14.17 13.40 -21.07
N GLU A 103 -14.98 14.09 -20.25
CA GLU A 103 -15.41 15.46 -20.52
C GLU A 103 -14.69 16.48 -19.65
N PHE A 104 -14.00 16.00 -18.63
CA PHE A 104 -13.46 16.85 -17.56
C PHE A 104 -12.78 18.13 -18.06
N SER A 105 -13.23 19.27 -17.55
CA SER A 105 -12.75 20.59 -17.98
C SER A 105 -11.43 20.94 -17.32
N GLU A 106 -10.68 21.82 -17.97
CA GLU A 106 -9.45 22.35 -17.42
C GLU A 106 -9.73 23.11 -16.12
N LYS A 107 -10.86 23.81 -16.06
CA LYS A 107 -11.22 24.56 -14.86
C LYS A 107 -11.41 23.61 -13.68
N ASN A 108 -12.12 22.51 -13.90
CA ASN A 108 -12.36 21.55 -12.81
C ASN A 108 -11.07 20.84 -12.39
N TRP A 109 -10.09 20.78 -13.29
CA TRP A 109 -8.76 20.32 -12.93
C TRP A 109 -8.04 21.37 -12.08
N ASP A 110 -7.82 22.54 -12.66
CA ASP A 110 -7.04 23.58 -12.01
C ASP A 110 -7.58 24.02 -10.63
N ASP A 111 -8.89 24.24 -10.52
CA ASP A 111 -9.44 24.76 -9.28
C ASP A 111 -9.17 23.78 -8.14
N VAL A 112 -9.32 22.48 -8.44
CA VAL A 112 -9.17 21.45 -7.41
C VAL A 112 -7.70 21.25 -7.06
N MET A 113 -6.84 21.15 -8.06
CA MET A 113 -5.42 20.96 -7.80
C MET A 113 -4.84 22.17 -7.08
N ASN A 114 -5.25 23.37 -7.49
CA ASN A 114 -4.72 24.58 -6.88
C ASN A 114 -4.96 24.64 -5.37
N LEU A 115 -6.14 24.23 -4.95
CA LEU A 115 -6.47 24.27 -3.53
C LEU A 115 -5.99 22.99 -2.81
N ASN A 116 -6.33 21.83 -3.37
CA ASN A 116 -6.18 20.56 -2.65
C ASN A 116 -4.76 20.06 -2.52
N ILE A 117 -3.87 20.47 -3.42
CA ILE A 117 -2.48 20.02 -3.33
C ILE A 117 -1.50 21.19 -3.38
N LYS A 118 -1.63 22.07 -4.38
CA LYS A 118 -0.67 23.16 -4.47
C LYS A 118 -0.69 24.03 -3.21
N SER A 119 -1.87 24.47 -2.78
CA SER A 119 -1.92 25.38 -1.63
C SER A 119 -1.51 24.66 -0.36
N VAL A 120 -1.73 23.34 -0.33
CA VAL A 120 -1.35 22.54 0.82
C VAL A 120 0.16 22.46 0.95
N PHE A 121 0.86 22.21 -0.15
CA PHE A 121 2.30 22.23 -0.12
C PHE A 121 2.81 23.61 0.34
N PHE A 122 2.37 24.67 -0.33
CA PHE A 122 2.90 26.00 -0.02
C PHE A 122 2.53 26.55 1.36
N MET A 123 1.35 26.21 1.87
CA MET A 123 0.99 26.63 3.23
C MET A 123 1.84 25.85 4.23
N SER A 124 2.04 24.56 3.98
CA SER A 124 2.93 23.76 4.80
C SER A 124 4.35 24.35 4.84
N GLN A 125 4.84 24.75 3.67
CA GLN A 125 6.15 25.39 3.57
C GLN A 125 6.20 26.66 4.40
N THR A 126 5.16 27.49 4.27
CA THR A 126 5.10 28.76 4.98
C THR A 126 5.12 28.55 6.48
N VAL A 127 4.32 27.61 6.96
CA VAL A 127 4.27 27.36 8.39
C VAL A 127 5.54 26.67 8.88
N ALA A 128 6.11 25.76 8.08
CA ALA A 128 7.35 25.08 8.45
C ALA A 128 8.49 26.06 8.64
N ARG A 129 8.53 27.09 7.80
CA ARG A 129 9.54 28.14 7.99
C ARG A 129 9.40 28.76 9.37
N GLN A 130 8.16 28.97 9.81
CA GLN A 130 7.90 29.56 11.11
C GLN A 130 8.25 28.59 12.24
N PHE A 131 7.96 27.30 12.04
CA PHE A 131 8.35 26.29 13.01
C PHE A 131 9.87 26.31 13.21
N ILE A 132 10.60 26.40 12.11
CA ILE A 132 12.07 26.37 12.14
C ILE A 132 12.59 27.62 12.86
N LYS A 133 12.00 28.78 12.57
CA LYS A 133 12.35 30.00 13.27
C LYS A 133 12.16 29.87 14.78
N GLN A 134 11.03 29.32 15.19
CA GLN A 134 10.69 29.15 16.61
C GLN A 134 11.61 28.14 17.30
N GLY A 135 11.96 27.08 16.59
CA GLY A 135 12.88 26.08 17.13
C GLY A 135 12.26 25.13 18.16
N LYS A 136 10.93 25.01 18.18
CA LYS A 136 10.28 24.10 19.11
C LYS A 136 9.44 23.05 18.38
N GLY A 137 9.86 22.72 17.17
CA GLY A 137 9.16 21.73 16.36
C GLY A 137 7.82 22.24 15.91
N GLY A 138 6.94 21.31 15.57
CA GLY A 138 5.62 21.67 15.07
C GLY A 138 4.92 20.47 14.49
N LYS A 139 3.63 20.67 14.21
CA LYS A 139 2.77 19.61 13.68
C LYS A 139 2.06 20.09 12.43
N ILE A 140 2.09 19.28 11.39
CA ILE A 140 1.27 19.51 10.19
C ILE A 140 0.40 18.29 10.01
N ILE A 141 -0.90 18.53 9.86
CA ILE A 141 -1.90 17.50 9.62
C ILE A 141 -2.56 17.80 8.30
N ASN A 142 -2.27 16.98 7.30
CA ASN A 142 -2.92 17.07 6.00
C ASN A 142 -4.15 16.19 5.97
N ILE A 143 -5.03 16.44 5.02
CA ILE A 143 -6.29 15.72 4.92
C ILE A 143 -6.28 14.97 3.60
N ALA A 144 -6.13 13.66 3.72
CA ALA A 144 -6.13 12.74 2.59
C ALA A 144 -7.56 12.29 2.38
N SER A 145 -7.76 11.16 1.74
CA SER A 145 -9.10 10.71 1.36
C SER A 145 -9.06 9.19 1.15
N MET A 146 -10.22 8.55 1.11
CA MET A 146 -10.27 7.19 0.58
C MET A 146 -9.72 7.19 -0.86
N LEU A 147 -9.85 8.31 -1.55
CA LEU A 147 -9.36 8.40 -2.93
C LEU A 147 -7.86 8.70 -3.02
N SER A 148 -7.17 8.67 -1.88
CA SER A 148 -5.71 8.53 -1.84
C SER A 148 -5.29 7.08 -2.10
N PHE A 149 -6.23 6.15 -1.86
CA PHE A 149 -5.97 4.71 -1.90
C PHE A 149 -6.70 4.04 -3.06
N GLN A 150 -7.90 4.55 -3.37
CA GLN A 150 -8.78 4.01 -4.40
C GLN A 150 -8.99 5.10 -5.44
N GLY A 151 -9.41 4.71 -6.64
CA GLY A 151 -9.57 5.67 -7.71
C GLY A 151 -10.84 6.50 -7.68
N GLY A 152 -11.96 5.87 -7.37
CA GLY A 152 -13.24 6.52 -7.48
C GLY A 152 -13.60 6.82 -8.93
N ILE A 153 -14.62 7.64 -9.13
CA ILE A 153 -15.06 8.01 -10.48
C ILE A 153 -15.53 9.46 -10.55
N ARG A 154 -15.38 10.07 -11.72
CA ARG A 154 -15.88 11.41 -12.03
C ARG A 154 -15.18 12.55 -11.28
N VAL A 155 -14.08 12.24 -10.60
CA VAL A 155 -13.35 13.23 -9.82
C VAL A 155 -11.83 13.13 -10.03
N PRO A 156 -11.38 13.14 -11.30
CA PRO A 156 -9.95 12.93 -11.55
C PRO A 156 -9.01 13.89 -10.80
N SER A 157 -9.31 15.18 -10.77
CA SER A 157 -8.45 16.13 -10.06
C SER A 157 -8.51 15.91 -8.55
N TYR A 158 -9.63 15.39 -8.03
CA TYR A 158 -9.70 15.12 -6.59
C TYR A 158 -8.81 13.92 -6.22
N THR A 159 -8.98 12.84 -6.95
CA THR A 159 -8.13 11.67 -6.77
C THR A 159 -6.66 12.01 -6.97
N ALA A 160 -6.36 12.77 -8.02
CA ALA A 160 -4.97 13.21 -8.24
C ALA A 160 -4.45 13.99 -7.05
N SER A 161 -5.20 15.00 -6.62
CA SER A 161 -4.77 15.86 -5.52
C SER A 161 -4.62 15.11 -4.19
N LYS A 162 -5.56 14.23 -3.89
CA LYS A 162 -5.54 13.53 -2.59
C LYS A 162 -4.49 12.43 -2.56
N SER A 163 -4.24 11.81 -3.70
CA SER A 163 -3.12 10.86 -3.81
C SER A 163 -1.80 11.63 -3.65
N ALA A 164 -1.73 12.82 -4.26
CA ALA A 164 -0.56 13.69 -4.10
C ALA A 164 -0.36 14.13 -2.64
N VAL A 165 -1.46 14.38 -1.93
CA VAL A 165 -1.36 14.74 -0.51
C VAL A 165 -0.64 13.64 0.27
N MET A 166 -0.99 12.38 0.04
CA MET A 166 -0.37 11.29 0.77
C MET A 166 1.12 11.22 0.47
N GLY A 167 1.48 11.46 -0.79
CA GLY A 167 2.88 11.44 -1.21
C GLY A 167 3.70 12.57 -0.61
N VAL A 168 3.21 13.80 -0.71
CA VAL A 168 3.97 14.97 -0.21
C VAL A 168 4.08 14.95 1.31
N THR A 169 3.10 14.34 1.98
CA THR A 169 3.18 14.18 3.42
C THR A 169 4.44 13.38 3.77
N ARG A 170 4.72 12.35 2.98
CA ARG A 170 5.92 11.54 3.17
C ARG A 170 7.17 12.41 3.02
N LEU A 171 7.25 13.15 1.92
CA LEU A 171 8.45 13.96 1.63
C LEU A 171 8.66 15.06 2.67
N MET A 172 7.59 15.70 3.10
CA MET A 172 7.70 16.77 4.10
C MET A 172 8.28 16.21 5.39
N ALA A 173 7.79 15.05 5.81
CA ALA A 173 8.36 14.36 6.96
C ALA A 173 9.84 14.06 6.78
N ASN A 174 10.18 13.54 5.61
CA ASN A 174 11.56 13.19 5.32
C ASN A 174 12.51 14.35 5.53
N GLU A 175 12.11 15.53 5.09
CA GLU A 175 12.99 16.69 5.18
C GLU A 175 12.92 17.43 6.52
N TRP A 176 11.76 17.41 7.17
CA TRP A 176 11.55 18.27 8.32
C TRP A 176 11.50 17.55 9.68
N ALA A 177 11.46 16.22 9.67
CA ALA A 177 11.41 15.45 10.92
C ALA A 177 12.60 15.78 11.81
N LYS A 178 13.75 16.04 11.20
CA LYS A 178 14.95 16.38 11.96
C LYS A 178 14.81 17.66 12.77
N HIS A 179 13.86 18.52 12.41
CA HIS A 179 13.56 19.72 13.22
C HIS A 179 12.47 19.52 14.26
N GLY A 180 12.11 18.27 14.54
CA GLY A 180 10.99 18.00 15.43
C GLY A 180 9.65 18.40 14.85
N ILE A 181 9.56 18.38 13.54
CA ILE A 181 8.30 18.66 12.84
C ILE A 181 7.70 17.33 12.40
N ASN A 182 6.45 17.08 12.78
CA ASN A 182 5.75 15.87 12.38
C ASN A 182 4.71 16.27 11.35
N VAL A 183 4.82 15.67 10.17
CA VAL A 183 3.88 15.90 9.10
C VAL A 183 3.18 14.58 8.84
N ASN A 184 1.89 14.52 9.14
CA ASN A 184 1.08 13.33 8.96
C ASN A 184 -0.22 13.70 8.26
N ALA A 185 -1.02 12.71 7.91
CA ALA A 185 -2.31 12.99 7.32
C ALA A 185 -3.40 12.14 7.95
N ILE A 186 -4.62 12.70 7.96
CA ILE A 186 -5.83 11.94 8.25
C ILE A 186 -6.58 11.70 6.94
N ALA A 187 -6.94 10.45 6.67
CA ALA A 187 -7.83 10.10 5.56
C ALA A 187 -9.21 9.77 6.11
N PRO A 188 -10.14 10.75 6.13
CA PRO A 188 -11.49 10.44 6.54
C PRO A 188 -12.12 9.44 5.58
N GLY A 189 -13.02 8.61 6.10
CA GLY A 189 -13.81 7.72 5.27
C GLY A 189 -14.99 8.45 4.68
N TYR A 190 -16.12 7.75 4.65
CA TYR A 190 -17.37 8.34 4.18
C TYR A 190 -18.01 9.02 5.36
N MET A 191 -17.93 10.35 5.35
CA MET A 191 -18.40 11.18 6.45
C MET A 191 -19.69 11.87 6.03
N ALA A 192 -20.58 12.04 6.99
CA ALA A 192 -21.88 12.68 6.73
C ALA A 192 -21.74 14.19 6.84
N THR A 193 -21.15 14.79 5.80
CA THR A 193 -21.01 16.24 5.72
C THR A 193 -21.61 16.66 4.39
N ASN A 194 -21.56 17.97 4.09
CA ASN A 194 -22.11 18.49 2.85
C ASN A 194 -21.57 17.77 1.60
N ASN A 195 -20.33 17.29 1.67
CA ASN A 195 -19.71 16.59 0.53
C ASN A 195 -20.32 15.23 0.16
N THR A 196 -21.05 14.61 1.08
CA THR A 196 -21.75 13.36 0.74
C THR A 196 -23.27 13.55 0.74
N GLN A 197 -23.73 14.79 0.64
CA GLN A 197 -25.17 15.11 0.72
C GLN A 197 -25.97 14.48 -0.44
N GLN A 198 -25.48 14.64 -1.67
CA GLN A 198 -26.09 14.04 -2.86
C GLN A 198 -26.18 12.53 -2.71
N LEU A 199 -25.05 11.93 -2.35
CA LEU A 199 -24.94 10.48 -2.19
C LEU A 199 -25.99 9.99 -1.19
N ARG A 200 -26.11 10.69 -0.06
CA ARG A 200 -27.01 10.23 1.01
C ARG A 200 -28.49 10.53 0.76
N ALA A 201 -28.78 11.44 -0.17
CA ALA A 201 -30.19 11.73 -0.52
C ALA A 201 -30.78 10.60 -1.35
N ASP A 202 -29.91 9.78 -1.93
CA ASP A 202 -30.28 8.60 -2.69
C ASP A 202 -30.27 7.37 -1.76
N GLU A 203 -31.45 6.92 -1.35
CA GLU A 203 -31.56 5.80 -0.40
C GLU A 203 -30.76 4.57 -0.83
N GLU A 204 -30.85 4.21 -2.10
CA GLU A 204 -30.19 3.00 -2.60
C GLU A 204 -28.67 3.14 -2.62
N ARG A 205 -28.18 4.27 -3.10
CA ARG A 205 -26.74 4.53 -3.09
C ARG A 205 -26.22 4.63 -1.65
N SER A 206 -26.94 5.33 -0.80
CA SER A 206 -26.57 5.50 0.60
C SER A 206 -26.39 4.14 1.28
N LYS A 207 -27.34 3.22 1.05
CA LYS A 207 -27.27 1.89 1.69
C LYS A 207 -26.13 1.04 1.15
N GLU A 208 -25.89 1.15 -0.16
CA GLU A 208 -24.79 0.47 -0.81
C GLU A 208 -23.45 0.82 -0.13
N ILE A 209 -23.26 2.10 0.17
CA ILE A 209 -22.06 2.55 0.88
C ILE A 209 -22.07 2.07 2.33
N LEU A 210 -23.17 2.33 3.04
CA LEU A 210 -23.23 2.02 4.46
C LEU A 210 -22.98 0.54 4.73
N ASP A 211 -23.52 -0.33 3.89
CA ASP A 211 -23.33 -1.77 4.05
C ASP A 211 -21.89 -2.22 3.87
N ARG A 212 -21.06 -1.36 3.30
CA ARG A 212 -19.65 -1.63 3.09
C ARG A 212 -18.75 -0.92 4.10
N ILE A 213 -19.35 -0.28 5.10
CA ILE A 213 -18.64 0.29 6.24
C ILE A 213 -18.74 -0.68 7.42
N PRO A 214 -17.65 -1.37 7.79
CA PRO A 214 -17.74 -2.31 8.92
C PRO A 214 -18.35 -1.74 10.19
N ALA A 215 -18.04 -0.50 10.52
CA ALA A 215 -18.59 0.14 11.72
C ALA A 215 -20.11 0.27 11.69
N GLY A 216 -20.70 0.24 10.49
CA GLY A 216 -22.16 0.31 10.34
C GLY A 216 -22.74 1.69 10.61
N ARG A 217 -21.93 2.72 10.41
CA ARG A 217 -22.39 4.10 10.47
C ARG A 217 -21.44 4.98 9.70
N TRP A 218 -21.99 6.12 9.27
CA TRP A 218 -21.23 7.17 8.62
C TRP A 218 -20.32 7.83 9.64
N GLY A 219 -19.21 8.38 9.15
CA GLY A 219 -18.37 9.21 10.00
C GLY A 219 -18.98 10.58 10.22
N LEU A 220 -18.61 11.20 11.34
CA LEU A 220 -19.03 12.56 11.67
C LEU A 220 -17.81 13.43 11.96
N PRO A 221 -17.99 14.75 11.91
CA PRO A 221 -16.87 15.62 12.31
C PRO A 221 -16.28 15.28 13.68
N GLN A 222 -17.13 14.86 14.62
CA GLN A 222 -16.68 14.48 15.94
C GLN A 222 -15.62 13.37 15.92
N ASP A 223 -15.70 12.49 14.91
CA ASP A 223 -14.76 11.36 14.80
C ASP A 223 -13.34 11.80 14.48
N LEU A 224 -13.16 13.04 14.01
CA LEU A 224 -11.80 13.54 13.74
C LEU A 224 -11.20 14.33 14.90
N MET A 225 -11.95 14.56 15.98
CA MET A 225 -11.43 15.35 17.11
C MET A 225 -10.28 14.64 17.79
N GLY A 226 -10.51 13.38 18.16
CA GLY A 226 -9.46 12.59 18.79
C GLY A 226 -8.23 12.37 17.92
N PRO A 227 -8.43 11.93 16.68
CA PRO A 227 -7.27 11.71 15.79
C PRO A 227 -6.49 12.98 15.52
N SER A 228 -7.17 14.12 15.38
CA SER A 228 -6.46 15.35 15.12
C SER A 228 -5.70 15.84 16.37
N VAL A 229 -6.31 15.75 17.56
CA VAL A 229 -5.58 16.08 18.79
C VAL A 229 -4.35 15.17 18.95
N PHE A 230 -4.54 13.88 18.71
CA PHE A 230 -3.46 12.92 18.82
C PHE A 230 -2.27 13.31 17.94
N LEU A 231 -2.55 13.56 16.66
CA LEU A 231 -1.50 13.91 15.71
C LEU A 231 -0.91 15.31 15.94
N ALA A 232 -1.65 16.15 16.65
CA ALA A 232 -1.19 17.50 17.00
C ALA A 232 -0.40 17.54 18.30
N SER A 233 -0.25 16.39 18.97
CA SER A 233 0.28 16.31 20.34
C SER A 233 1.59 15.54 20.44
N SER A 234 2.25 15.65 21.58
CA SER A 234 3.48 14.92 21.83
C SER A 234 3.25 13.41 21.94
N ALA A 235 1.98 13.01 22.06
CA ALA A 235 1.63 11.58 22.13
C ALA A 235 1.93 10.84 20.83
N SER A 236 2.18 11.57 19.74
CA SER A 236 2.45 10.95 18.45
C SER A 236 3.81 11.34 17.89
N ASP A 237 4.77 11.66 18.77
CA ASP A 237 6.06 12.20 18.34
C ASP A 237 6.88 11.31 17.40
N TYR A 238 6.72 9.99 17.46
CA TYR A 238 7.45 9.09 16.56
C TYR A 238 6.61 8.61 15.38
N ILE A 239 5.48 9.26 15.17
CA ILE A 239 4.68 9.06 13.96
C ILE A 239 5.04 10.20 13.01
N ASN A 240 5.49 9.84 11.81
CA ASN A 240 5.87 10.88 10.87
C ASN A 240 5.78 10.41 9.43
N GLY A 241 5.20 11.26 8.59
CA GLY A 241 5.00 10.98 7.18
C GLY A 241 3.89 9.99 6.86
N TYR A 242 3.02 9.76 7.82
CA TYR A 242 2.06 8.66 7.73
C TYR A 242 0.61 9.14 7.64
N THR A 243 -0.17 8.38 6.87
CA THR A 243 -1.60 8.65 6.69
C THR A 243 -2.38 7.67 7.54
N ILE A 244 -3.22 8.19 8.41
CA ILE A 244 -4.11 7.37 9.26
C ILE A 244 -5.54 7.48 8.77
N ALA A 245 -6.12 6.34 8.40
CA ALA A 245 -7.51 6.30 7.97
C ALA A 245 -8.45 6.35 9.17
N VAL A 246 -9.44 7.23 9.10
CA VAL A 246 -10.50 7.35 10.10
C VAL A 246 -11.79 7.10 9.33
N ASP A 247 -12.05 5.82 9.08
CA ASP A 247 -12.97 5.36 8.03
C ASP A 247 -13.95 4.26 8.46
N GLY A 248 -14.02 3.96 9.74
CA GLY A 248 -14.95 2.93 10.20
C GLY A 248 -14.68 1.56 9.60
N GLY A 249 -13.48 1.35 9.08
CA GLY A 249 -13.09 0.08 8.44
C GLY A 249 -13.28 0.03 6.92
N TRP A 250 -13.62 1.16 6.29
CA TRP A 250 -13.79 1.18 4.84
C TRP A 250 -12.65 0.47 4.07
N LEU A 251 -11.41 0.86 4.32
CA LEU A 251 -10.29 0.30 3.57
C LEU A 251 -10.01 -1.15 3.93
N ALA A 252 -10.45 -1.59 5.11
CA ALA A 252 -10.25 -2.95 5.58
C ALA A 252 -11.11 -3.97 4.85
N ARG A 253 -12.26 -3.54 4.35
CA ARG A 253 -13.29 -4.48 3.88
C ARG A 253 -12.89 -5.17 2.58
N MET B 1 -15.90 16.86 26.02
CA MET B 1 -14.53 17.45 26.09
C MET B 1 -13.53 16.37 25.74
N ILE B 2 -12.82 16.57 24.62
CA ILE B 2 -12.05 15.51 23.98
C ILE B 2 -10.95 14.87 24.84
N LEU B 3 -10.34 15.62 25.75
CA LEU B 3 -9.27 15.02 26.55
C LEU B 3 -9.83 13.87 27.39
N ASN B 4 -11.11 13.95 27.76
CA ASN B 4 -11.74 12.86 28.49
C ASN B 4 -11.82 11.59 27.65
N SER B 5 -11.83 11.72 26.32
CA SER B 5 -11.90 10.56 25.45
C SER B 5 -10.65 9.69 25.47
N PHE B 6 -9.53 10.24 25.93
CA PHE B 6 -8.26 9.50 26.04
C PHE B 6 -8.11 8.81 27.41
N ASP B 7 -8.95 9.20 28.35
CA ASP B 7 -8.88 8.74 29.73
C ASP B 7 -9.38 7.30 29.85
N LEU B 8 -8.51 6.41 30.32
CA LEU B 8 -8.84 4.99 30.43
C LEU B 8 -9.17 4.56 31.86
N GLN B 9 -9.53 5.50 32.71
CA GLN B 9 -9.92 5.12 34.06
C GLN B 9 -11.08 4.13 34.03
N GLY B 10 -11.01 3.15 34.90
CA GLY B 10 -12.02 2.10 34.94
C GLY B 10 -11.83 0.98 33.93
N LYS B 11 -10.83 1.09 33.05
CA LYS B 11 -10.63 0.10 32.01
C LYS B 11 -9.70 -1.00 32.45
N VAL B 12 -9.80 -2.15 31.79
CA VAL B 12 -8.94 -3.31 32.05
C VAL B 12 -8.29 -3.73 30.73
N ALA B 13 -6.95 -3.78 30.73
CA ALA B 13 -6.19 -4.10 29.54
C ALA B 13 -5.40 -5.37 29.77
N LEU B 14 -5.52 -6.30 28.85
CA LEU B 14 -4.77 -7.53 28.88
C LEU B 14 -3.67 -7.39 27.85
N ILE B 15 -2.42 -7.45 28.30
CA ILE B 15 -1.28 -7.31 27.42
C ILE B 15 -0.43 -8.58 27.50
N THR B 16 -0.22 -9.22 26.35
CA THR B 16 0.64 -10.40 26.29
C THR B 16 2.04 -9.91 25.95
N GLY B 17 3.04 -10.44 26.65
CA GLY B 17 4.42 -10.06 26.40
C GLY B 17 4.67 -8.65 26.90
N CYS B 18 4.74 -8.47 28.21
CA CYS B 18 4.95 -7.13 28.76
C CYS B 18 5.99 -7.10 29.89
N ASP B 19 6.88 -8.08 29.91
CA ASP B 19 7.99 -8.06 30.87
C ASP B 19 9.09 -7.08 30.45
N THR B 20 9.25 -6.81 29.16
CA THR B 20 10.37 -5.98 28.70
C THR B 20 9.99 -5.13 27.49
N GLY B 21 10.89 -4.22 27.14
CA GLY B 21 10.84 -3.49 25.88
C GLY B 21 9.51 -2.80 25.57
N LEU B 22 9.02 -3.06 24.36
CA LEU B 22 7.81 -2.42 23.85
C LEU B 22 6.58 -2.80 24.65
N GLY B 23 6.42 -4.09 24.96
CA GLY B 23 5.26 -4.55 25.73
C GLY B 23 5.19 -3.91 27.11
N GLN B 24 6.36 -3.83 27.76
CA GLN B 24 6.45 -3.14 29.04
C GLN B 24 6.04 -1.68 28.90
N GLY B 25 6.52 -1.01 27.86
CA GLY B 25 6.13 0.38 27.62
C GLY B 25 4.63 0.55 27.44
N MET B 26 4.01 -0.32 26.65
CA MET B 26 2.58 -0.19 26.40
C MET B 26 1.78 -0.47 27.65
N ALA B 27 2.19 -1.46 28.44
CA ALA B 27 1.50 -1.73 29.70
C ALA B 27 1.56 -0.55 30.64
N ILE B 28 2.74 0.06 30.75
CA ILE B 28 2.93 1.20 31.64
C ILE B 28 2.11 2.40 31.14
N GLY B 29 2.13 2.64 29.84
CA GLY B 29 1.36 3.72 29.23
C GLY B 29 -0.13 3.58 29.50
N LEU B 30 -0.65 2.37 29.26
CA LEU B 30 -2.04 2.09 29.52
C LEU B 30 -2.39 2.28 31.00
N ALA B 31 -1.49 1.84 31.89
CA ALA B 31 -1.69 2.04 33.32
C ALA B 31 -1.69 3.51 33.72
N GLN B 32 -0.78 4.27 33.11
CA GLN B 32 -0.72 5.72 33.34
C GLN B 32 -2.03 6.42 32.94
N ALA B 33 -2.65 5.91 31.89
CA ALA B 33 -3.93 6.43 31.41
C ALA B 33 -5.13 5.97 32.25
N GLY B 34 -4.92 5.07 33.20
CA GLY B 34 -5.97 4.63 34.11
C GLY B 34 -6.30 3.15 34.13
N CYS B 35 -5.70 2.36 33.24
CA CYS B 35 -6.04 0.94 33.10
C CYS B 35 -5.46 0.11 34.20
N ASP B 36 -6.25 -0.81 34.73
CA ASP B 36 -5.68 -1.93 35.44
C ASP B 36 -5.19 -2.93 34.40
N ILE B 37 -4.17 -3.71 34.75
CA ILE B 37 -3.45 -4.50 33.77
C ILE B 37 -3.48 -5.99 34.07
N VAL B 38 -3.77 -6.78 33.05
CA VAL B 38 -3.58 -8.23 33.09
C VAL B 38 -2.41 -8.56 32.17
N GLY B 39 -1.35 -9.14 32.73
CA GLY B 39 -0.19 -9.53 31.94
C GLY B 39 -0.24 -11.01 31.64
N VAL B 40 0.18 -11.42 30.46
CA VAL B 40 0.43 -12.83 30.18
C VAL B 40 1.87 -12.96 29.70
N ASN B 41 2.70 -13.65 30.47
CA ASN B 41 4.12 -13.75 30.19
C ASN B 41 4.65 -15.15 30.51
N ILE B 42 5.84 -15.44 30.00
CA ILE B 42 6.51 -16.73 30.29
C ILE B 42 7.16 -16.67 31.66
N VAL B 43 7.64 -15.49 32.03
CA VAL B 43 8.22 -15.24 33.35
C VAL B 43 7.55 -14.04 33.98
N GLU B 44 7.65 -13.94 35.31
CA GLU B 44 7.13 -12.80 36.04
C GLU B 44 7.65 -11.47 35.47
N PRO B 45 6.74 -10.56 35.09
CA PRO B 45 7.17 -9.22 34.65
C PRO B 45 7.42 -8.30 35.86
N LYS B 46 8.47 -8.62 36.61
CA LYS B 46 8.66 -8.03 37.94
C LYS B 46 8.72 -6.51 37.88
N ASP B 47 9.55 -5.98 36.98
CA ASP B 47 9.74 -4.53 36.86
C ASP B 47 8.47 -3.86 36.40
N THR B 48 7.80 -4.46 35.42
CA THR B 48 6.54 -3.90 34.95
C THR B 48 5.50 -3.83 36.07
N ILE B 49 5.40 -4.91 36.87
CA ILE B 49 4.46 -4.92 37.97
C ILE B 49 4.76 -3.79 38.98
N GLU B 50 6.04 -3.64 39.31
CA GLU B 50 6.45 -2.58 40.22
C GLU B 50 5.98 -1.23 39.72
N LYS B 51 6.20 -0.96 38.44
CA LYS B 51 5.89 0.35 37.88
C LYS B 51 4.38 0.58 37.80
N VAL B 52 3.65 -0.45 37.38
CA VAL B 52 2.19 -0.34 37.31
C VAL B 52 1.57 -0.13 38.69
N THR B 53 2.01 -0.89 39.69
CA THR B 53 1.43 -0.77 41.02
C THR B 53 1.85 0.53 41.72
N ALA B 54 3.01 1.06 41.33
CA ALA B 54 3.45 2.36 41.81
C ALA B 54 2.50 3.48 41.39
N LEU B 55 1.82 3.29 40.26
CA LEU B 55 0.80 4.25 39.80
C LEU B 55 -0.53 4.14 40.54
N GLY B 56 -0.65 3.16 41.42
CA GLY B 56 -1.88 2.89 42.12
C GLY B 56 -2.84 2.00 41.36
N ARG B 57 -2.35 1.40 40.28
CA ARG B 57 -3.14 0.50 39.46
C ARG B 57 -2.91 -0.96 39.85
N ARG B 58 -3.85 -1.81 39.46
CA ARG B 58 -3.78 -3.24 39.76
C ARG B 58 -3.11 -3.98 38.60
N PHE B 59 -2.42 -5.06 38.94
CA PHE B 59 -1.76 -5.88 37.93
C PHE B 59 -2.03 -7.32 38.29
N LEU B 60 -2.69 -8.06 37.38
CA LEU B 60 -2.86 -9.49 37.53
C LEU B 60 -1.85 -10.18 36.64
N SER B 61 -0.92 -10.93 37.23
CA SER B 61 0.14 -11.54 36.46
C SER B 61 -0.17 -13.00 36.19
N LEU B 62 -0.44 -13.31 34.92
CA LEU B 62 -0.66 -14.67 34.48
C LEU B 62 0.56 -15.20 33.77
N THR B 63 0.95 -16.43 34.09
CA THR B 63 2.11 -17.06 33.49
C THR B 63 1.61 -18.17 32.58
N ALA B 64 1.93 -18.07 31.29
CA ALA B 64 1.48 -19.05 30.30
C ALA B 64 2.25 -18.89 29.00
N ASP B 65 2.23 -19.96 28.20
CA ASP B 65 2.78 -19.93 26.84
C ASP B 65 1.63 -19.57 25.91
N MET B 66 1.69 -18.37 25.33
CA MET B 66 0.62 -17.88 24.47
C MET B 66 0.39 -18.74 23.23
N SER B 67 1.43 -19.47 22.80
CA SER B 67 1.29 -20.35 21.64
C SER B 67 0.31 -21.50 21.86
N ASN B 68 0.02 -21.82 23.13
CA ASN B 68 -0.95 -22.86 23.46
C ASN B 68 -2.37 -22.32 23.39
N VAL B 69 -2.98 -22.42 22.22
CA VAL B 69 -4.30 -21.82 22.00
C VAL B 69 -5.41 -22.42 22.87
N SER B 70 -5.28 -23.69 23.29
CA SER B 70 -6.29 -24.28 24.16
C SER B 70 -6.34 -23.60 25.54
N GLY B 71 -5.28 -22.89 25.90
CA GLY B 71 -5.19 -22.23 27.19
C GLY B 71 -5.77 -20.83 27.25
N HIS B 72 -6.10 -20.27 26.09
CA HIS B 72 -6.57 -18.86 26.06
C HIS B 72 -7.84 -18.60 26.84
N ALA B 73 -8.82 -19.50 26.73
CA ALA B 73 -10.12 -19.27 27.35
C ALA B 73 -9.96 -19.09 28.87
N GLU B 74 -9.12 -19.91 29.47
CA GLU B 74 -8.88 -19.84 30.91
C GLU B 74 -8.19 -18.54 31.32
N LEU B 75 -7.22 -18.09 30.52
CA LEU B 75 -6.56 -16.81 30.77
C LEU B 75 -7.57 -15.67 30.82
N VAL B 76 -8.44 -15.63 29.81
CA VAL B 76 -9.48 -14.59 29.79
C VAL B 76 -10.48 -14.74 30.95
N GLU B 77 -10.89 -15.97 31.26
CA GLU B 77 -11.74 -16.25 32.42
C GLU B 77 -11.13 -15.70 33.71
N LYS B 78 -9.83 -15.90 33.88
CA LYS B 78 -9.17 -15.43 35.09
C LYS B 78 -9.15 -13.90 35.15
N ALA B 79 -8.91 -13.28 34.00
CA ALA B 79 -8.95 -11.81 33.90
C ALA B 79 -10.33 -11.28 34.27
N VAL B 80 -11.37 -11.91 33.71
CA VAL B 80 -12.74 -11.50 33.94
C VAL B 80 -13.15 -11.75 35.39
N ALA B 81 -12.69 -12.87 35.97
CA ALA B 81 -13.00 -13.12 37.36
C ALA B 81 -12.39 -12.06 38.28
N GLU B 82 -11.14 -11.70 38.03
CA GLU B 82 -10.44 -10.74 38.89
C GLU B 82 -11.01 -9.32 38.82
N PHE B 83 -11.34 -8.85 37.61
CA PHE B 83 -11.72 -7.47 37.39
C PHE B 83 -13.20 -7.25 37.02
N GLY B 84 -13.90 -8.30 36.61
CA GLY B 84 -15.30 -8.19 36.21
C GLY B 84 -15.51 -8.03 34.72
N HIS B 85 -14.46 -7.60 34.02
CA HIS B 85 -14.55 -7.30 32.59
C HIS B 85 -13.14 -7.15 32.03
N VAL B 86 -13.01 -7.33 30.72
CA VAL B 86 -11.78 -7.01 30.00
C VAL B 86 -12.20 -6.11 28.84
N ASP B 87 -11.47 -5.02 28.65
CA ASP B 87 -11.85 -3.99 27.66
C ASP B 87 -10.88 -3.80 26.51
N ILE B 88 -9.64 -4.22 26.69
CA ILE B 88 -8.55 -3.95 25.77
C ILE B 88 -7.65 -5.17 25.74
N LEU B 89 -7.23 -5.57 24.53
CA LEU B 89 -6.24 -6.61 24.32
C LEU B 89 -5.11 -6.07 23.49
N VAL B 90 -3.88 -6.25 23.95
CA VAL B 90 -2.69 -5.93 23.18
C VAL B 90 -1.91 -7.23 22.94
N ASN B 91 -1.85 -7.66 21.68
CA ASN B 91 -1.22 -8.91 21.29
C ASN B 91 0.24 -8.71 20.98
N ASN B 92 1.03 -8.45 22.04
CA ASN B 92 2.43 -8.16 21.84
C ASN B 92 3.38 -9.35 21.90
N ALA B 93 2.95 -10.46 22.49
CA ALA B 93 3.85 -11.60 22.64
C ALA B 93 4.28 -12.10 21.26
N GLY B 94 5.59 -12.10 21.04
CA GLY B 94 6.16 -12.47 19.76
C GLY B 94 7.63 -12.84 19.87
N ILE B 95 8.11 -13.55 18.86
CA ILE B 95 9.52 -13.88 18.73
C ILE B 95 9.98 -13.71 17.30
N ILE B 96 11.30 -13.75 17.13
CA ILE B 96 11.92 -13.70 15.82
C ILE B 96 13.03 -14.75 15.77
N ARG B 97 13.25 -15.32 14.60
CA ARG B 97 14.31 -16.30 14.37
C ARG B 97 15.03 -15.92 13.09
N ARG B 98 16.35 -15.76 13.19
CA ARG B 98 17.17 -15.31 12.07
C ARG B 98 17.99 -16.47 11.55
N GLU B 99 17.86 -16.73 10.25
CA GLU B 99 18.52 -17.84 9.57
C GLU B 99 18.36 -17.61 8.07
N ASP B 100 19.41 -17.84 7.30
CA ASP B 100 19.31 -17.73 5.84
C ASP B 100 18.05 -18.44 5.36
N ALA B 101 17.29 -17.76 4.49
CA ALA B 101 16.04 -18.31 3.95
C ALA B 101 16.26 -19.66 3.28
N ILE B 102 17.41 -19.82 2.63
CA ILE B 102 17.73 -21.05 1.93
C ILE B 102 17.93 -22.22 2.91
N GLU B 103 18.34 -21.91 4.14
CA GLU B 103 18.59 -22.92 5.17
C GLU B 103 17.45 -23.02 6.19
N PHE B 104 16.50 -22.09 6.11
CA PHE B 104 15.50 -21.91 7.17
C PHE B 104 14.83 -23.22 7.60
N SER B 105 14.89 -23.52 8.90
CA SER B 105 14.32 -24.74 9.46
C SER B 105 12.81 -24.66 9.65
N GLU B 106 12.19 -25.83 9.68
CA GLU B 106 10.77 -25.93 10.00
C GLU B 106 10.49 -25.42 11.42
N LYS B 107 11.41 -25.67 12.34
CA LYS B 107 11.26 -25.21 13.72
C LYS B 107 11.17 -23.68 13.79
N ASN B 108 12.08 -23.02 13.11
CA ASN B 108 12.12 -21.55 13.08
C ASN B 108 10.94 -20.97 12.32
N TRP B 109 10.33 -21.79 11.45
CA TRP B 109 9.04 -21.41 10.86
C TRP B 109 7.91 -21.56 11.88
N ASP B 110 7.67 -22.78 12.34
CA ASP B 110 6.54 -23.08 13.23
C ASP B 110 6.52 -22.23 14.49
N ASP B 111 7.66 -22.12 15.17
CA ASP B 111 7.70 -21.43 16.45
C ASP B 111 7.24 -19.97 16.30
N VAL B 112 7.71 -19.32 15.25
CA VAL B 112 7.39 -17.91 14.98
C VAL B 112 5.93 -17.76 14.55
N MET B 113 5.47 -18.58 13.61
CA MET B 113 4.08 -18.49 13.16
C MET B 113 3.08 -18.82 14.26
N ASN B 114 3.37 -19.85 15.05
CA ASN B 114 2.48 -20.25 16.14
C ASN B 114 2.21 -19.10 17.10
N LEU B 115 3.25 -18.35 17.41
CA LEU B 115 3.13 -17.24 18.36
C LEU B 115 2.68 -15.96 17.67
N ASN B 116 3.36 -15.60 16.59
CA ASN B 116 3.21 -14.25 16.02
C ASN B 116 1.92 -14.05 15.24
N ILE B 117 1.34 -15.14 14.70
CA ILE B 117 0.07 -15.00 13.99
C ILE B 117 -1.02 -15.94 14.47
N LYS B 118 -0.75 -17.23 14.62
CA LYS B 118 -1.78 -18.15 15.08
C LYS B 118 -2.34 -17.76 16.45
N SER B 119 -1.45 -17.53 17.43
CA SER B 119 -1.93 -17.21 18.77
C SER B 119 -2.59 -15.84 18.79
N VAL B 120 -2.13 -14.95 17.93
CA VAL B 120 -2.73 -13.61 17.83
C VAL B 120 -4.18 -13.72 17.36
N PHE B 121 -4.42 -14.49 16.29
CA PHE B 121 -5.79 -14.70 15.87
C PHE B 121 -6.64 -15.33 16.98
N PHE B 122 -6.16 -16.42 17.57
CA PHE B 122 -6.99 -17.12 18.54
C PHE B 122 -7.19 -16.39 19.87
N MET B 123 -6.21 -15.61 20.29
CA MET B 123 -6.40 -14.82 21.49
C MET B 123 -7.40 -13.69 21.21
N SER B 124 -7.29 -13.07 20.04
CA SER B 124 -8.26 -12.08 19.62
C SER B 124 -9.68 -12.63 19.60
N GLN B 125 -9.84 -13.84 19.06
CA GLN B 125 -11.14 -14.50 19.03
C GLN B 125 -11.67 -14.71 20.44
N THR B 126 -10.79 -15.17 21.32
CA THR B 126 -11.16 -15.47 22.69
C THR B 126 -11.64 -14.21 23.41
N VAL B 127 -10.88 -13.14 23.28
CA VAL B 127 -11.24 -11.89 23.93
C VAL B 127 -12.49 -11.28 23.28
N ALA B 128 -12.57 -11.34 21.96
CA ALA B 128 -13.74 -10.83 21.23
C ALA B 128 -15.04 -11.48 21.72
N ARG B 129 -14.99 -12.78 22.01
CA ARG B 129 -16.15 -13.46 22.62
C ARG B 129 -16.57 -12.79 23.93
N GLN B 130 -15.59 -12.45 24.75
CA GLN B 130 -15.85 -11.77 26.00
C GLN B 130 -16.38 -10.35 25.75
N PHE B 131 -15.81 -9.63 24.79
CA PHE B 131 -16.32 -8.29 24.45
C PHE B 131 -17.80 -8.35 24.07
N ILE B 132 -18.14 -9.32 23.23
CA ILE B 132 -19.50 -9.44 22.73
C ILE B 132 -20.46 -9.78 23.87
N LYS B 133 -20.05 -10.68 24.77
CA LYS B 133 -20.82 -10.99 25.98
C LYS B 133 -21.10 -9.74 26.82
N GLN B 134 -20.07 -8.93 27.03
CA GLN B 134 -20.18 -7.73 27.86
C GLN B 134 -21.09 -6.67 27.23
N GLY B 135 -21.00 -6.54 25.91
CA GLY B 135 -21.87 -5.62 25.18
C GLY B 135 -21.48 -4.15 25.25
N LYS B 136 -20.23 -3.88 25.64
CA LYS B 136 -19.75 -2.50 25.75
C LYS B 136 -18.57 -2.24 24.80
N GLY B 137 -18.51 -3.02 23.72
CA GLY B 137 -17.45 -2.92 22.75
C GLY B 137 -16.13 -3.38 23.29
N GLY B 138 -15.05 -2.94 22.66
CA GLY B 138 -13.73 -3.39 23.05
C GLY B 138 -12.69 -2.94 22.08
N LYS B 139 -11.43 -3.13 22.47
CA LYS B 139 -10.30 -2.73 21.65
C LYS B 139 -9.30 -3.87 21.55
N ILE B 140 -8.83 -4.11 20.34
CA ILE B 140 -7.72 -5.05 20.11
C ILE B 140 -6.64 -4.28 19.39
N ILE B 141 -5.42 -4.35 19.91
CA ILE B 141 -4.27 -3.72 19.29
C ILE B 141 -3.26 -4.80 18.97
N ASN B 142 -3.09 -5.08 17.69
CA ASN B 142 -2.08 -6.01 17.25
C ASN B 142 -0.78 -5.28 16.97
N ILE B 143 0.32 -6.03 16.93
CA ILE B 143 1.63 -5.43 16.74
C ILE B 143 2.15 -5.93 15.40
N ALA B 144 2.19 -5.03 14.45
CA ALA B 144 2.72 -5.29 13.13
C ALA B 144 4.22 -4.94 13.14
N SER B 145 4.79 -4.68 11.98
CA SER B 145 6.23 -4.46 11.85
C SER B 145 6.50 -3.67 10.59
N MET B 146 7.70 -3.10 10.47
CA MET B 146 8.13 -2.63 9.16
C MET B 146 8.13 -3.80 8.17
N LEU B 147 8.29 -5.04 8.67
CA LEU B 147 8.26 -6.21 7.80
C LEU B 147 6.84 -6.70 7.49
N SER B 148 5.84 -5.91 7.86
CA SER B 148 4.49 -6.04 7.31
C SER B 148 4.40 -5.36 5.94
N PHE B 149 5.33 -4.44 5.67
CA PHE B 149 5.35 -3.59 4.48
C PHE B 149 6.52 -3.92 3.53
N GLN B 150 7.65 -4.30 4.13
CA GLN B 150 8.88 -4.61 3.44
C GLN B 150 9.26 -6.05 3.73
N GLY B 151 10.17 -6.61 2.94
CA GLY B 151 10.50 -8.03 3.08
C GLY B 151 11.52 -8.34 4.16
N GLY B 152 12.55 -7.51 4.27
CA GLY B 152 13.70 -7.83 5.12
C GLY B 152 14.45 -9.06 4.63
N ILE B 153 15.37 -9.54 5.47
CA ILE B 153 16.18 -10.72 5.13
C ILE B 153 16.36 -11.63 6.33
N ARG B 154 16.49 -12.92 6.06
CA ARG B 154 16.83 -13.95 7.05
C ARG B 154 15.74 -14.19 8.11
N VAL B 155 14.54 -13.63 7.92
CA VAL B 155 13.44 -13.84 8.87
C VAL B 155 12.12 -14.15 8.16
N PRO B 156 12.13 -15.12 7.23
CA PRO B 156 10.90 -15.44 6.48
C PRO B 156 9.64 -15.61 7.33
N SER B 157 9.72 -16.33 8.44
CA SER B 157 8.53 -16.59 9.25
C SER B 157 8.08 -15.32 9.96
N TYR B 158 9.02 -14.44 10.28
CA TYR B 158 8.68 -13.17 10.92
C TYR B 158 7.94 -12.28 9.94
N THR B 159 8.50 -12.14 8.74
CA THR B 159 7.87 -11.35 7.66
C THR B 159 6.49 -11.94 7.31
N ALA B 160 6.40 -13.26 7.16
CA ALA B 160 5.11 -13.90 6.91
C ALA B 160 4.10 -13.60 8.03
N SER B 161 4.52 -13.80 9.27
CA SER B 161 3.61 -13.61 10.40
C SER B 161 3.15 -12.17 10.55
N LYS B 162 4.07 -11.23 10.36
CA LYS B 162 3.72 -9.80 10.57
C LYS B 162 2.95 -9.22 9.39
N SER B 163 3.21 -9.73 8.18
CA SER B 163 2.37 -9.39 7.04
C SER B 163 0.96 -9.96 7.26
N ALA B 164 0.87 -11.20 7.74
CA ALA B 164 -0.40 -11.80 8.14
C ALA B 164 -1.14 -10.99 9.21
N VAL B 165 -0.40 -10.45 10.18
CA VAL B 165 -1.02 -9.65 11.24
C VAL B 165 -1.76 -8.45 10.63
N MET B 166 -1.14 -7.79 9.67
CA MET B 166 -1.77 -6.62 9.06
C MET B 166 -3.06 -7.01 8.34
N GLY B 167 -3.04 -8.13 7.64
CA GLY B 167 -4.21 -8.65 6.95
C GLY B 167 -5.32 -9.07 7.87
N VAL B 168 -5.00 -9.87 8.88
CA VAL B 168 -6.02 -10.38 9.76
C VAL B 168 -6.65 -9.27 10.65
N THR B 169 -5.90 -8.21 10.90
CA THR B 169 -6.43 -7.02 11.56
C THR B 169 -7.60 -6.44 10.75
N ARG B 170 -7.44 -6.39 9.43
CA ARG B 170 -8.52 -5.92 8.56
C ARG B 170 -9.76 -6.81 8.71
N LEU B 171 -9.59 -8.13 8.57
CA LEU B 171 -10.73 -9.03 8.64
C LEU B 171 -11.45 -9.01 9.99
N MET B 172 -10.69 -8.97 11.09
CA MET B 172 -11.29 -8.90 12.40
C MET B 172 -12.17 -7.64 12.54
N ALA B 173 -11.66 -6.51 12.07
CA ALA B 173 -12.45 -5.28 12.05
C ALA B 173 -13.72 -5.45 11.21
N ASN B 174 -13.58 -6.04 10.04
CA ASN B 174 -14.73 -6.26 9.16
C ASN B 174 -15.85 -6.99 9.86
N GLU B 175 -15.53 -8.01 10.64
CA GLU B 175 -16.57 -8.81 11.26
C GLU B 175 -17.05 -8.26 12.59
N TRP B 176 -16.19 -7.58 13.36
CA TRP B 176 -16.51 -7.23 14.73
C TRP B 176 -16.79 -5.75 14.99
N ALA B 177 -16.51 -4.91 14.00
CA ALA B 177 -16.69 -3.48 14.18
C ALA B 177 -18.16 -3.14 14.53
N LYS B 178 -19.09 -3.94 14.03
CA LYS B 178 -20.51 -3.68 14.30
C LYS B 178 -20.89 -3.78 15.78
N HIS B 179 -20.08 -4.48 16.57
CA HIS B 179 -20.25 -4.56 18.02
C HIS B 179 -19.49 -3.50 18.80
N GLY B 180 -18.97 -2.48 18.12
CA GLY B 180 -18.17 -1.47 18.79
C GLY B 180 -16.81 -1.98 19.20
N ILE B 181 -16.33 -3.01 18.49
CA ILE B 181 -14.97 -3.52 18.68
C ILE B 181 -14.07 -2.92 17.63
N ASN B 182 -12.99 -2.29 18.09
CA ASN B 182 -11.98 -1.73 17.19
C ASN B 182 -10.76 -2.61 17.19
N VAL B 183 -10.40 -3.14 16.03
CA VAL B 183 -9.21 -3.94 15.88
C VAL B 183 -8.26 -3.20 14.97
N ASN B 184 -7.14 -2.75 15.54
CA ASN B 184 -6.14 -2.00 14.82
C ASN B 184 -4.76 -2.54 15.13
N ALA B 185 -3.74 -2.03 14.46
CA ALA B 185 -2.37 -2.48 14.73
C ALA B 185 -1.42 -1.28 14.79
N ILE B 186 -0.38 -1.45 15.59
CA ILE B 186 0.74 -0.53 15.63
C ILE B 186 1.91 -1.23 14.96
N ALA B 187 2.53 -0.59 13.99
CA ALA B 187 3.78 -1.09 13.39
C ALA B 187 4.95 -0.25 13.89
N PRO B 188 5.66 -0.74 14.92
CA PRO B 188 6.83 0.01 15.36
C PRO B 188 7.89 0.02 14.28
N GLY B 189 8.71 1.07 14.24
CA GLY B 189 9.89 1.11 13.40
C GLY B 189 11.06 0.40 14.05
N TYR B 190 12.25 0.96 13.86
CA TYR B 190 13.46 0.47 14.51
C TYR B 190 13.51 1.05 15.91
N MET B 191 13.31 0.17 16.90
CA MET B 191 13.18 0.59 18.27
C MET B 191 14.39 0.12 19.06
N ALA B 192 14.72 0.90 20.08
CA ALA B 192 15.80 0.54 21.00
C ALA B 192 15.29 -0.44 22.06
N THR B 193 15.32 -1.71 21.69
CA THR B 193 15.00 -2.83 22.58
C THR B 193 16.01 -3.96 22.31
N ASN B 194 15.85 -5.10 22.99
CA ASN B 194 16.75 -6.24 22.82
C ASN B 194 16.74 -6.82 21.41
N ASN B 195 15.60 -6.70 20.71
CA ASN B 195 15.46 -7.20 19.35
C ASN B 195 16.39 -6.53 18.32
N THR B 196 16.90 -5.34 18.64
CA THR B 196 17.82 -4.63 17.75
C THR B 196 19.19 -4.44 18.40
N GLN B 197 19.47 -5.23 19.43
CA GLN B 197 20.69 -5.06 20.24
C GLN B 197 21.95 -5.24 19.42
N GLN B 198 21.96 -6.24 18.55
CA GLN B 198 23.12 -6.54 17.70
C GLN B 198 23.29 -5.49 16.60
N LEU B 199 22.19 -5.08 15.99
CA LEU B 199 22.19 -3.99 15.00
C LEU B 199 22.78 -2.71 15.59
N ARG B 200 22.34 -2.35 16.79
CA ARG B 200 22.75 -1.08 17.39
C ARG B 200 24.18 -1.09 17.90
N ALA B 201 24.70 -2.29 18.16
CA ALA B 201 26.09 -2.46 18.59
C ALA B 201 27.10 -2.39 17.42
N ASP B 202 26.60 -2.50 16.18
CA ASP B 202 27.43 -2.36 14.98
C ASP B 202 27.29 -0.94 14.44
N GLU B 203 28.34 -0.13 14.59
CA GLU B 203 28.27 1.30 14.26
C GLU B 203 28.09 1.61 12.77
N GLU B 204 28.63 0.77 11.89
CA GLU B 204 28.40 0.92 10.46
C GLU B 204 26.92 0.75 10.12
N ARG B 205 26.40 -0.44 10.39
CA ARG B 205 24.99 -0.75 10.13
C ARG B 205 24.06 0.23 10.84
N SER B 206 24.33 0.46 12.11
CA SER B 206 23.57 1.39 12.95
C SER B 206 23.39 2.75 12.28
N LYS B 207 24.51 3.33 11.84
CA LYS B 207 24.48 4.64 11.20
C LYS B 207 23.74 4.60 9.86
N GLU B 208 23.91 3.52 9.11
CA GLU B 208 23.25 3.37 7.82
C GLU B 208 21.74 3.38 7.97
N ILE B 209 21.26 2.73 9.03
CA ILE B 209 19.83 2.67 9.30
C ILE B 209 19.33 4.01 9.82
N LEU B 210 20.02 4.57 10.79
CA LEU B 210 19.63 5.85 11.36
C LEU B 210 19.55 6.95 10.31
N ASP B 211 20.47 6.94 9.35
CA ASP B 211 20.47 7.95 8.29
C ASP B 211 19.25 7.84 7.38
N ARG B 212 18.56 6.71 7.43
CA ARG B 212 17.31 6.50 6.69
C ARG B 212 16.06 6.61 7.57
N ILE B 213 16.23 6.94 8.83
CA ILE B 213 15.10 7.35 9.69
C ILE B 213 15.01 8.88 9.73
N PRO B 214 13.98 9.48 9.10
CA PRO B 214 13.87 10.93 9.15
C PRO B 214 14.00 11.55 10.53
N ALA B 215 13.40 10.93 11.56
CA ALA B 215 13.50 11.44 12.93
C ALA B 215 14.94 11.48 13.46
N GLY B 216 15.81 10.67 12.87
CA GLY B 216 17.23 10.63 13.24
C GLY B 216 17.48 10.04 14.62
N ARG B 217 16.57 9.20 15.11
CA ARG B 217 16.76 8.51 16.38
C ARG B 217 16.01 7.20 16.36
N TRP B 218 16.44 6.25 17.20
CA TRP B 218 15.69 5.02 17.41
C TRP B 218 14.38 5.32 18.14
N GLY B 219 13.36 4.50 17.92
CA GLY B 219 12.13 4.59 18.69
C GLY B 219 12.34 4.00 20.07
N LEU B 220 11.57 4.47 21.03
CA LEU B 220 11.65 3.95 22.39
C LEU B 220 10.31 3.36 22.79
N PRO B 221 10.32 2.47 23.79
CA PRO B 221 9.05 1.99 24.34
C PRO B 221 8.07 3.14 24.67
N GLN B 222 8.58 4.25 25.20
CA GLN B 222 7.71 5.38 25.54
C GLN B 222 7.01 5.97 24.32
N ASP B 223 7.59 5.81 23.14
CA ASP B 223 6.96 6.29 21.90
C ASP B 223 5.71 5.52 21.53
N LEU B 224 5.52 4.34 22.11
CA LEU B 224 4.30 3.56 21.88
C LEU B 224 3.22 3.83 22.91
N MET B 225 3.53 4.57 23.97
CA MET B 225 2.54 4.79 25.03
C MET B 225 1.36 5.60 24.51
N GLY B 226 1.66 6.71 23.85
CA GLY B 226 0.60 7.54 23.30
C GLY B 226 -0.24 6.82 22.25
N PRO B 227 0.41 6.20 21.28
CA PRO B 227 -0.36 5.51 20.24
C PRO B 227 -1.22 4.36 20.78
N SER B 228 -0.71 3.61 21.75
CA SER B 228 -1.46 2.50 22.32
C SER B 228 -2.65 3.05 23.14
N VAL B 229 -2.44 4.08 23.95
CA VAL B 229 -3.55 4.66 24.69
C VAL B 229 -4.63 5.19 23.73
N PHE B 230 -4.20 5.92 22.70
CA PHE B 230 -5.09 6.41 21.64
C PHE B 230 -5.98 5.30 21.05
N LEU B 231 -5.36 4.22 20.60
CA LEU B 231 -6.07 3.10 19.97
C LEU B 231 -6.88 2.28 20.98
N ALA B 232 -6.59 2.42 22.27
CA ALA B 232 -7.35 1.74 23.33
C ALA B 232 -8.51 2.58 23.87
N SER B 233 -8.68 3.79 23.33
CA SER B 233 -9.61 4.78 23.87
C SER B 233 -10.72 5.17 22.89
N SER B 234 -11.71 5.87 23.43
CA SER B 234 -12.82 6.45 22.66
C SER B 234 -12.36 7.46 21.63
N ALA B 235 -11.16 8.00 21.79
CA ALA B 235 -10.63 8.99 20.88
C ALA B 235 -10.36 8.44 19.48
N SER B 236 -10.37 7.12 19.31
CA SER B 236 -10.13 6.50 18.02
C SER B 236 -11.29 5.62 17.57
N ASP B 237 -12.53 5.94 18.00
CA ASP B 237 -13.69 5.10 17.75
C ASP B 237 -13.94 4.80 16.28
N TYR B 238 -13.59 5.72 15.38
CA TYR B 238 -13.86 5.50 13.96
C TYR B 238 -12.62 5.06 13.18
N ILE B 239 -11.60 4.60 13.91
CA ILE B 239 -10.45 3.95 13.29
C ILE B 239 -10.64 2.46 13.49
N ASN B 240 -10.61 1.71 12.40
CA ASN B 240 -10.84 0.29 12.48
C ASN B 240 -10.19 -0.47 11.33
N GLY B 241 -9.53 -1.57 11.67
CA GLY B 241 -8.86 -2.42 10.69
C GLY B 241 -7.55 -1.88 10.15
N TYR B 242 -6.99 -0.88 10.83
CA TYR B 242 -5.92 -0.09 10.26
C TYR B 242 -4.63 -0.27 11.05
N THR B 243 -3.53 -0.18 10.32
CA THR B 243 -2.19 -0.26 10.89
C THR B 243 -1.54 1.11 10.88
N ILE B 244 -1.14 1.59 12.06
CA ILE B 244 -0.45 2.87 12.20
C ILE B 244 1.03 2.64 12.44
N ALA B 245 1.87 3.15 11.55
CA ALA B 245 3.32 3.07 11.74
C ALA B 245 3.79 4.08 12.77
N VAL B 246 4.61 3.61 13.72
CA VAL B 246 5.24 4.47 14.71
C VAL B 246 6.73 4.27 14.51
N ASP B 247 7.26 4.94 13.49
CA ASP B 247 8.52 4.57 12.88
C ASP B 247 9.48 5.70 12.57
N GLY B 248 9.19 6.91 13.05
CA GLY B 248 10.09 8.04 12.87
C GLY B 248 10.22 8.45 11.42
N GLY B 249 9.31 8.01 10.57
CA GLY B 249 9.38 8.27 9.14
C GLY B 249 9.99 7.20 8.28
N TRP B 250 10.34 6.05 8.86
CA TRP B 250 11.01 4.98 8.12
C TRP B 250 10.31 4.68 6.78
N LEU B 251 9.01 4.43 6.83
CA LEU B 251 8.25 4.09 5.63
C LEU B 251 8.13 5.25 4.65
N ALA B 252 8.20 6.48 5.16
CA ALA B 252 8.08 7.66 4.30
C ALA B 252 9.30 7.89 3.43
N ARG B 253 10.47 7.43 3.86
CA ARG B 253 11.71 7.86 3.23
C ARG B 253 11.90 7.29 1.82
N MET C 1 -2.68 -19.55 -28.95
CA MET C 1 -1.24 -19.64 -28.58
C MET C 1 -0.78 -18.33 -27.95
N ILE C 2 -0.33 -18.43 -26.71
CA ILE C 2 -0.14 -17.24 -25.86
C ILE C 2 0.92 -16.26 -26.34
N LEU C 3 1.96 -16.75 -27.02
CA LEU C 3 3.00 -15.84 -27.50
C LEU C 3 2.43 -14.82 -28.50
N ASN C 4 1.38 -15.20 -29.21
CA ASN C 4 0.73 -14.26 -30.12
C ASN C 4 0.08 -13.08 -29.41
N SER C 5 -0.28 -13.26 -28.13
CA SER C 5 -0.91 -12.20 -27.36
C SER C 5 0.04 -11.04 -27.02
N PHE C 6 1.35 -11.28 -27.11
CA PHE C 6 2.35 -10.21 -26.90
C PHE C 6 2.70 -9.47 -28.19
N ASP C 7 2.32 -10.05 -29.34
CA ASP C 7 2.68 -9.51 -30.64
C ASP C 7 1.85 -8.26 -30.95
N LEU C 8 2.54 -7.14 -31.20
CA LEU C 8 1.86 -5.87 -31.46
C LEU C 8 1.87 -5.50 -32.95
N GLN C 9 1.96 -6.50 -33.82
CA GLN C 9 1.85 -6.27 -35.26
C GLN C 9 0.58 -5.49 -35.58
N GLY C 10 0.72 -4.45 -36.39
CA GLY C 10 -0.42 -3.65 -36.83
C GLY C 10 -0.90 -2.62 -35.82
N LYS C 11 -0.21 -2.51 -34.68
CA LYS C 11 -0.57 -1.52 -33.67
C LYS C 11 0.16 -0.19 -33.88
N VAL C 12 -0.44 0.86 -33.35
CA VAL C 12 0.12 2.21 -33.41
C VAL C 12 0.24 2.72 -31.97
N ALA C 13 1.45 3.11 -31.58
CA ALA C 13 1.72 3.56 -30.21
C ALA C 13 2.24 4.98 -30.23
N LEU C 14 1.60 5.85 -29.44
CA LEU C 14 2.05 7.22 -29.28
C LEU C 14 2.82 7.29 -27.96
N ILE C 15 4.10 7.65 -28.04
CA ILE C 15 4.97 7.78 -26.86
C ILE C 15 5.47 9.21 -26.75
N THR C 16 5.14 9.86 -25.65
CA THR C 16 5.63 11.22 -25.40
C THR C 16 6.98 11.09 -24.69
N GLY C 17 7.92 11.97 -25.05
CA GLY C 17 9.26 11.95 -24.44
C GLY C 17 10.02 10.67 -24.73
N CYS C 18 10.36 10.43 -26.00
CA CYS C 18 11.05 9.19 -26.38
C CYS C 18 12.36 9.42 -27.17
N ASP C 19 12.96 10.59 -27.02
CA ASP C 19 14.26 10.89 -27.64
C ASP C 19 15.43 10.21 -26.92
N THR C 20 15.29 9.96 -25.63
CA THR C 20 16.39 9.39 -24.85
C THR C 20 15.89 8.51 -23.70
N GLY C 21 16.83 7.82 -23.06
CA GLY C 21 16.58 7.06 -21.83
C GLY C 21 15.39 6.12 -21.86
N LEU C 22 14.51 6.25 -20.87
CA LEU C 22 13.44 5.29 -20.67
C LEU C 22 12.41 5.36 -21.80
N GLY C 23 12.07 6.57 -22.22
CA GLY C 23 11.08 6.74 -23.29
C GLY C 23 11.53 6.16 -24.62
N GLN C 24 12.81 6.39 -24.95
CA GLN C 24 13.42 5.76 -26.10
C GLN C 24 13.37 4.23 -26.00
N GLY C 25 13.75 3.70 -24.84
CA GLY C 25 13.71 2.27 -24.59
C GLY C 25 12.33 1.68 -24.84
N MET C 26 11.29 2.35 -24.34
CA MET C 26 9.93 1.86 -24.53
C MET C 26 9.45 1.99 -25.97
N ALA C 27 9.79 3.10 -26.63
CA ALA C 27 9.46 3.27 -28.06
C ALA C 27 10.10 2.17 -28.91
N ILE C 28 11.36 1.85 -28.63
CA ILE C 28 12.09 0.83 -29.39
C ILE C 28 11.50 -0.56 -29.09
N GLY C 29 11.21 -0.83 -27.82
CA GLY C 29 10.58 -2.10 -27.44
C GLY C 29 9.23 -2.32 -28.11
N LEU C 30 8.39 -1.30 -28.16
CA LEU C 30 7.08 -1.40 -28.80
C LEU C 30 7.25 -1.59 -30.32
N ALA C 31 8.21 -0.88 -30.90
CA ALA C 31 8.52 -1.02 -32.32
C ALA C 31 9.03 -2.42 -32.62
N GLN C 32 9.92 -2.95 -31.77
CA GLN C 32 10.40 -4.34 -31.91
C GLN C 32 9.27 -5.36 -31.85
N ALA C 33 8.19 -5.04 -31.12
CA ALA C 33 7.06 -5.94 -31.00
C ALA C 33 6.03 -5.80 -32.13
N GLY C 34 6.23 -4.82 -33.03
CA GLY C 34 5.34 -4.63 -34.19
C GLY C 34 4.73 -3.26 -34.38
N CYS C 35 4.84 -2.38 -33.38
CA CYS C 35 4.19 -1.07 -33.44
C CYS C 35 4.85 -0.09 -34.37
N ASP C 36 4.05 0.61 -35.16
CA ASP C 36 4.47 1.88 -35.71
C ASP C 36 4.36 2.88 -34.57
N ILE C 37 5.22 3.90 -34.61
CA ILE C 37 5.40 4.81 -33.49
C ILE C 37 5.08 6.25 -33.88
N VAL C 38 4.33 6.92 -33.02
CA VAL C 38 4.18 8.36 -33.08
C VAL C 38 4.88 8.93 -31.86
N GLY C 39 5.92 9.73 -32.08
CA GLY C 39 6.61 10.41 -31.00
C GLY C 39 6.11 11.83 -30.82
N VAL C 40 6.03 12.29 -29.57
CA VAL C 40 5.85 13.71 -29.28
C VAL C 40 7.02 14.16 -28.40
N ASN C 41 7.85 15.05 -28.94
CA ASN C 41 9.08 15.48 -28.29
C ASN C 41 9.32 16.98 -28.46
N ILE C 42 10.18 17.53 -27.61
CA ILE C 42 10.61 18.91 -27.76
C ILE C 42 11.63 18.96 -28.90
N VAL C 43 12.64 18.10 -28.81
CA VAL C 43 13.68 17.98 -29.84
C VAL C 43 13.46 16.77 -30.73
N GLU C 44 14.03 16.79 -31.94
CA GLU C 44 13.89 15.69 -32.88
C GLU C 44 14.59 14.44 -32.33
N PRO C 45 13.86 13.33 -32.20
CA PRO C 45 14.42 12.09 -31.66
C PRO C 45 15.18 11.32 -32.74
N LYS C 46 16.32 11.87 -33.14
CA LYS C 46 17.10 11.35 -34.27
C LYS C 46 17.50 9.90 -34.07
N ASP C 47 18.17 9.62 -32.97
CA ASP C 47 18.63 8.28 -32.66
C ASP C 47 17.45 7.30 -32.58
N THR C 48 16.36 7.71 -31.95
CA THR C 48 15.18 6.84 -31.84
C THR C 48 14.56 6.55 -33.22
N ILE C 49 14.37 7.58 -34.03
CA ILE C 49 13.88 7.44 -35.40
C ILE C 49 14.72 6.45 -36.21
N GLU C 50 16.04 6.60 -36.16
CA GLU C 50 16.95 5.67 -36.83
C GLU C 50 16.73 4.23 -36.37
N LYS C 51 16.67 4.03 -35.04
CA LYS C 51 16.51 2.70 -34.49
C LYS C 51 15.14 2.09 -34.79
N VAL C 52 14.09 2.91 -34.75
CA VAL C 52 12.74 2.40 -35.07
C VAL C 52 12.62 2.05 -36.55
N THR C 53 13.06 2.95 -37.43
CA THR C 53 12.97 2.71 -38.88
C THR C 53 13.86 1.54 -39.33
N ALA C 54 15.00 1.35 -38.66
CA ALA C 54 15.89 0.22 -38.93
C ALA C 54 15.18 -1.13 -38.71
N LEU C 55 14.20 -1.16 -37.82
CA LEU C 55 13.37 -2.34 -37.60
C LEU C 55 12.32 -2.53 -38.70
N GLY C 56 12.15 -1.53 -39.56
CA GLY C 56 11.16 -1.57 -40.63
C GLY C 56 9.79 -1.04 -40.23
N ARG C 57 9.72 -0.33 -39.10
CA ARG C 57 8.47 0.29 -38.66
C ARG C 57 8.49 1.77 -39.02
N ARG C 58 7.32 2.39 -39.04
CA ARG C 58 7.21 3.82 -39.32
C ARG C 58 7.38 4.62 -38.02
N PHE C 59 7.93 5.82 -38.14
CA PHE C 59 7.99 6.77 -37.03
C PHE C 59 7.46 8.12 -37.51
N LEU C 60 6.33 8.55 -36.96
CA LEU C 60 5.85 9.90 -37.15
C LEU C 60 6.39 10.77 -36.02
N SER C 61 7.20 11.77 -36.36
CA SER C 61 7.84 12.62 -35.36
C SER C 61 7.13 13.94 -35.21
N LEU C 62 6.43 14.11 -34.08
CA LEU C 62 5.72 15.34 -33.80
C LEU C 62 6.50 16.17 -32.78
N THR C 63 6.52 17.48 -33.00
CA THR C 63 7.25 18.41 -32.14
C THR C 63 6.26 19.30 -31.40
N ALA C 64 6.26 19.23 -30.07
CA ALA C 64 5.34 20.01 -29.26
C ALA C 64 5.72 19.96 -27.78
N ASP C 65 5.31 20.98 -27.05
CA ASP C 65 5.42 21.02 -25.60
C ASP C 65 4.17 20.33 -25.05
N MET C 66 4.39 19.18 -24.43
CA MET C 66 3.27 18.38 -23.90
C MET C 66 2.47 19.11 -22.82
N SER C 67 3.06 20.10 -22.16
CA SER C 67 2.33 20.85 -21.12
C SER C 67 1.22 21.75 -21.69
N ASN C 68 1.29 22.08 -22.97
CA ASN C 68 0.23 22.87 -23.59
C ASN C 68 -0.97 21.98 -23.94
N VAL C 69 -1.94 21.91 -23.04
CA VAL C 69 -3.03 20.94 -23.19
C VAL C 69 -3.97 21.26 -24.37
N SER C 70 -4.02 22.51 -24.79
CA SER C 70 -4.85 22.88 -25.94
C SER C 70 -4.35 22.22 -27.23
N GLY C 71 -3.07 21.87 -27.26
CA GLY C 71 -2.44 21.30 -28.45
C GLY C 71 -2.59 19.81 -28.61
N HIS C 72 -3.11 19.13 -27.60
CA HIS C 72 -3.18 17.67 -27.63
C HIS C 72 -4.06 17.11 -28.73
N ALA C 73 -5.20 17.75 -28.94
CA ALA C 73 -6.20 17.24 -29.88
C ALA C 73 -5.57 17.12 -31.26
N GLU C 74 -4.84 18.14 -31.68
CA GLU C 74 -4.25 18.15 -33.01
C GLU C 74 -3.16 17.08 -33.16
N LEU C 75 -2.38 16.88 -32.10
CA LEU C 75 -1.34 15.84 -32.11
C LEU C 75 -1.96 14.49 -32.40
N VAL C 76 -3.07 14.20 -31.72
CA VAL C 76 -3.74 12.93 -31.92
C VAL C 76 -4.41 12.86 -33.30
N GLU C 77 -4.96 13.98 -33.78
CA GLU C 77 -5.55 14.04 -35.12
C GLU C 77 -4.52 13.66 -36.20
N LYS C 78 -3.30 14.17 -36.07
CA LYS C 78 -2.23 13.87 -37.04
C LYS C 78 -1.85 12.40 -37.02
N ALA C 79 -1.73 11.84 -35.81
CA ALA C 79 -1.45 10.42 -35.65
C ALA C 79 -2.52 9.58 -36.32
N VAL C 80 -3.77 9.96 -36.10
CA VAL C 80 -4.91 9.24 -36.67
C VAL C 80 -4.93 9.36 -38.19
N ALA C 81 -4.65 10.55 -38.71
CA ALA C 81 -4.59 10.74 -40.16
C ALA C 81 -3.51 9.85 -40.77
N GLU C 82 -2.34 9.85 -40.16
CA GLU C 82 -1.17 9.16 -40.72
C GLU C 82 -1.23 7.65 -40.64
N PHE C 83 -1.80 7.10 -39.56
CA PHE C 83 -1.87 5.65 -39.40
C PHE C 83 -3.27 5.05 -39.45
N GLY C 84 -4.30 5.90 -39.40
CA GLY C 84 -5.68 5.44 -39.45
C GLY C 84 -6.28 5.24 -38.07
N HIS C 85 -5.41 5.07 -37.07
CA HIS C 85 -5.83 4.75 -35.70
C HIS C 85 -4.66 4.92 -34.74
N VAL C 86 -5.00 5.08 -33.45
CA VAL C 86 -4.00 5.03 -32.37
C VAL C 86 -4.50 4.00 -31.37
N ASP C 87 -3.62 3.11 -30.94
CA ASP C 87 -3.99 1.96 -30.11
C ASP C 87 -3.42 2.00 -28.70
N ILE C 88 -2.28 2.68 -28.55
CA ILE C 88 -1.49 2.65 -27.32
C ILE C 88 -0.95 4.06 -27.04
N LEU C 89 -1.04 4.51 -25.79
CA LEU C 89 -0.45 5.76 -25.35
C LEU C 89 0.51 5.47 -24.20
N VAL C 90 1.73 5.99 -24.30
CA VAL C 90 2.70 5.94 -23.21
C VAL C 90 3.00 7.38 -22.79
N ASN C 91 2.54 7.76 -21.60
CA ASN C 91 2.72 9.12 -21.09
C ASN C 91 4.04 9.26 -20.36
N ASN C 92 5.15 9.28 -21.11
CA ASN C 92 6.47 9.30 -20.50
C ASN C 92 7.08 10.71 -20.32
N ALA C 93 6.65 11.68 -21.12
CA ALA C 93 7.19 13.05 -21.04
C ALA C 93 7.07 13.57 -19.62
N GLY C 94 8.21 13.91 -19.02
CA GLY C 94 8.23 14.40 -17.66
C GLY C 94 9.53 15.11 -17.33
N ILE C 95 9.51 15.83 -16.21
CA ILE C 95 10.68 16.53 -15.70
C ILE C 95 10.78 16.39 -14.18
N ILE C 96 11.90 16.84 -13.63
CA ILE C 96 12.13 16.83 -12.19
C ILE C 96 12.89 18.09 -11.82
N ARG C 97 12.57 18.66 -10.66
CA ARG C 97 13.23 19.87 -10.16
C ARG C 97 13.63 19.61 -8.72
N ARG C 98 14.92 19.75 -8.44
CA ARG C 98 15.47 19.49 -7.11
C ARG C 98 15.80 20.80 -6.40
N GLU C 99 15.20 20.99 -5.24
CA GLU C 99 15.39 22.16 -4.41
C GLU C 99 14.83 21.80 -3.03
N ASP C 100 15.49 22.23 -1.97
CA ASP C 100 15.02 21.93 -0.61
C ASP C 100 13.54 22.31 -0.52
N ALA C 101 12.74 21.42 0.08
CA ALA C 101 11.32 21.71 0.25
C ALA C 101 11.03 23.07 0.91
N ILE C 102 11.86 23.48 1.87
CA ILE C 102 11.62 24.72 2.60
C ILE C 102 11.84 25.94 1.70
N GLU C 103 12.61 25.79 0.63
CA GLU C 103 12.87 26.88 -0.31
C GLU C 103 12.11 26.74 -1.63
N PHE C 104 11.48 25.59 -1.85
CA PHE C 104 10.90 25.22 -3.15
C PHE C 104 10.09 26.35 -3.77
N SER C 105 10.41 26.67 -5.02
CA SER C 105 9.77 27.79 -5.70
C SER C 105 8.47 27.36 -6.36
N GLU C 106 7.63 28.36 -6.60
CA GLU C 106 6.38 28.14 -7.32
C GLU C 106 6.63 27.66 -8.73
N LYS C 107 7.67 28.20 -9.37
CA LYS C 107 8.04 27.73 -10.70
C LYS C 107 8.37 26.25 -10.73
N ASN C 108 9.17 25.80 -9.77
CA ASN C 108 9.56 24.40 -9.71
C ASN C 108 8.40 23.48 -9.35
N TRP C 109 7.36 24.05 -8.72
CA TRP C 109 6.11 23.34 -8.53
C TRP C 109 5.34 23.26 -9.85
N ASP C 110 5.01 24.41 -10.40
CA ASP C 110 4.12 24.47 -11.56
C ASP C 110 4.69 23.73 -12.76
N ASP C 111 5.95 23.95 -13.08
CA ASP C 111 6.51 23.32 -14.28
C ASP C 111 6.38 21.80 -14.23
N VAL C 112 6.65 21.21 -13.06
CA VAL C 112 6.62 19.77 -12.87
C VAL C 112 5.19 19.22 -12.85
N MET C 113 4.30 19.87 -12.11
CA MET C 113 2.91 19.42 -12.04
C MET C 113 2.26 19.55 -13.42
N ASN C 114 2.51 20.66 -14.11
CA ASN C 114 1.93 20.87 -15.43
C ASN C 114 2.23 19.73 -16.39
N LEU C 115 3.48 19.25 -16.38
CA LEU C 115 3.88 18.17 -17.28
C LEU C 115 3.57 16.79 -16.74
N ASN C 116 4.01 16.51 -15.52
CA ASN C 116 4.01 15.17 -14.97
C ASN C 116 2.62 14.64 -14.61
N ILE C 117 1.68 15.52 -14.31
CA ILE C 117 0.33 15.04 -13.96
C ILE C 117 -0.77 15.70 -14.79
N LYS C 118 -0.78 17.03 -14.86
CA LYS C 118 -1.84 17.70 -15.61
C LYS C 118 -1.84 17.25 -17.07
N SER C 119 -0.70 17.34 -17.74
CA SER C 119 -0.68 16.97 -19.15
C SER C 119 -0.93 15.48 -19.34
N VAL C 120 -0.56 14.67 -18.36
CA VAL C 120 -0.79 13.23 -18.42
C VAL C 120 -2.29 12.95 -18.38
N PHE C 121 -3.01 13.62 -17.49
CA PHE C 121 -4.45 13.45 -17.47
C PHE C 121 -5.08 13.85 -18.81
N PHE C 122 -4.77 15.05 -19.27
CA PHE C 122 -5.43 15.60 -20.46
C PHE C 122 -5.04 14.91 -21.75
N MET C 123 -3.79 14.44 -21.85
CA MET C 123 -3.38 13.64 -23.01
C MET C 123 -4.10 12.29 -22.98
N SER C 124 -4.24 11.72 -21.79
CA SER C 124 -4.97 10.47 -21.64
C SER C 124 -6.42 10.65 -22.08
N GLN C 125 -7.03 11.75 -21.63
CA GLN C 125 -8.40 12.10 -21.99
C GLN C 125 -8.54 12.22 -23.51
N THR C 126 -7.59 12.92 -24.12
CA THR C 126 -7.60 13.17 -25.56
C THR C 126 -7.52 11.86 -26.34
N VAL C 127 -6.63 10.96 -25.94
CA VAL C 127 -6.48 9.68 -26.62
C VAL C 127 -7.69 8.77 -26.34
N ALA C 128 -8.16 8.76 -25.09
CA ALA C 128 -9.36 7.99 -24.75
C ALA C 128 -10.54 8.32 -25.67
N ARG C 129 -10.72 9.62 -25.96
CA ARG C 129 -11.79 10.06 -26.86
C ARG C 129 -11.66 9.37 -28.21
N GLN C 130 -10.42 9.30 -28.70
CA GLN C 130 -10.14 8.61 -29.96
C GLN C 130 -10.35 7.10 -29.84
N PHE C 131 -9.91 6.50 -28.74
CA PHE C 131 -10.16 5.07 -28.53
C PHE C 131 -11.66 4.78 -28.61
N ILE C 132 -12.45 5.67 -28.00
CA ILE C 132 -13.90 5.51 -27.99
C ILE C 132 -14.48 5.68 -29.40
N LYS C 133 -14.00 6.70 -30.11
CA LYS C 133 -14.44 6.92 -31.48
C LYS C 133 -14.17 5.67 -32.33
N GLN C 134 -13.00 5.07 -32.15
CA GLN C 134 -12.58 3.88 -32.90
C GLN C 134 -13.39 2.63 -32.54
N GLY C 135 -13.75 2.51 -31.26
CA GLY C 135 -14.61 1.43 -30.79
C GLY C 135 -13.91 0.09 -30.57
N LYS C 136 -12.58 0.08 -30.59
CA LYS C 136 -11.81 -1.16 -30.43
C LYS C 136 -10.94 -1.18 -29.18
N GLY C 137 -11.26 -0.33 -28.21
CA GLY C 137 -10.50 -0.28 -26.97
C GLY C 137 -9.18 0.44 -27.13
N GLY C 138 -8.30 0.26 -26.17
CA GLY C 138 -7.02 0.93 -26.21
C GLY C 138 -6.24 0.66 -24.96
N LYS C 139 -4.99 1.07 -24.98
CA LYS C 139 -4.08 0.88 -23.87
C LYS C 139 -3.42 2.22 -23.53
N ILE C 140 -3.37 2.53 -22.24
CA ILE C 140 -2.64 3.68 -21.75
C ILE C 140 -1.65 3.15 -20.72
N ILE C 141 -0.41 3.58 -20.82
CA ILE C 141 0.63 3.25 -19.87
C ILE C 141 1.18 4.55 -19.32
N ASN C 142 0.93 4.78 -18.04
CA ASN C 142 1.49 5.93 -17.37
C ASN C 142 2.80 5.57 -16.70
N ILE C 143 3.61 6.57 -16.41
CA ILE C 143 4.93 6.36 -15.82
C ILE C 143 4.92 6.90 -14.40
N ALA C 144 4.92 5.97 -13.45
CA ALA C 144 4.95 6.29 -12.04
C ALA C 144 6.41 6.33 -11.60
N SER C 145 6.67 6.12 -10.32
CA SER C 145 8.01 6.27 -9.78
C SER C 145 8.10 5.53 -8.46
N MET C 146 9.30 5.26 -7.98
CA MET C 146 9.45 4.87 -6.57
C MET C 146 8.86 5.97 -5.68
N LEU C 147 8.85 7.20 -6.16
CA LEU C 147 8.28 8.32 -5.41
C LEU C 147 6.75 8.42 -5.52
N SER C 148 6.14 7.40 -6.11
CA SER C 148 4.71 7.17 -5.97
C SER C 148 4.42 6.42 -4.67
N PHE C 149 5.44 5.74 -4.13
CA PHE C 149 5.31 4.86 -2.94
C PHE C 149 6.03 5.45 -1.72
N GLN C 150 7.17 6.09 -1.97
CA GLN C 150 8.02 6.69 -0.95
C GLN C 150 8.08 8.20 -1.20
N GLY C 151 8.52 8.96 -0.20
CA GLY C 151 8.51 10.41 -0.31
C GLY C 151 9.68 11.01 -1.05
N GLY C 152 10.86 10.44 -0.84
CA GLY C 152 12.07 11.07 -1.34
C GLY C 152 12.38 12.39 -0.64
N ILE C 153 13.35 13.14 -1.17
CA ILE C 153 13.68 14.47 -0.65
C ILE C 153 13.97 15.44 -1.79
N ARG C 154 13.71 16.72 -1.54
CA ARG C 154 14.03 17.84 -2.42
C ARG C 154 13.27 17.87 -3.76
N VAL C 155 12.25 17.02 -3.89
CA VAL C 155 11.46 16.97 -5.11
C VAL C 155 9.94 16.95 -4.84
N PRO C 156 9.45 17.90 -4.00
CA PRO C 156 8.03 17.82 -3.62
C PRO C 156 7.06 17.76 -4.81
N SER C 157 7.27 18.56 -5.85
CA SER C 157 6.36 18.50 -7.00
C SER C 157 6.47 17.19 -7.80
N TYR C 158 7.65 16.56 -7.80
CA TYR C 158 7.84 15.27 -8.46
C TYR C 158 7.10 14.17 -7.70
N THR C 159 7.30 14.14 -6.39
CA THR C 159 6.60 13.20 -5.54
C THR C 159 5.09 13.40 -5.63
N ALA C 160 4.64 14.64 -5.58
CA ALA C 160 3.22 14.95 -5.72
C ALA C 160 2.68 14.44 -7.05
N SER C 161 3.37 14.77 -8.14
CA SER C 161 2.89 14.40 -9.47
C SER C 161 2.85 12.90 -9.68
N LYS C 162 3.87 12.19 -9.18
CA LYS C 162 3.99 10.75 -9.42
C LYS C 162 3.07 9.96 -8.51
N SER C 163 2.84 10.47 -7.29
CA SER C 163 1.81 9.90 -6.42
C SER C 163 0.44 10.08 -7.09
N ALA C 164 0.21 11.27 -7.64
CA ALA C 164 -1.02 11.56 -8.39
C ALA C 164 -1.19 10.64 -9.60
N VAL C 165 -0.09 10.34 -10.30
CA VAL C 165 -0.17 9.46 -11.45
C VAL C 165 -0.71 8.10 -11.03
N MET C 166 -0.20 7.57 -9.92
CA MET C 166 -0.63 6.27 -9.47
C MET C 166 -2.13 6.28 -9.14
N GLY C 167 -2.58 7.32 -8.45
CA GLY C 167 -3.99 7.48 -8.15
C GLY C 167 -4.90 7.65 -9.35
N VAL C 168 -4.55 8.55 -10.26
CA VAL C 168 -5.41 8.85 -11.40
C VAL C 168 -5.47 7.66 -12.38
N THR C 169 -4.42 6.85 -12.39
CA THR C 169 -4.41 5.60 -13.16
C THR C 169 -5.57 4.70 -12.69
N ARG C 170 -5.79 4.63 -11.38
CA ARG C 170 -6.90 3.85 -10.86
C ARG C 170 -8.24 4.39 -11.36
N LEU C 171 -8.44 5.70 -11.26
CA LEU C 171 -9.73 6.30 -11.66
C LEU C 171 -9.98 6.12 -13.15
N MET C 172 -8.94 6.32 -13.96
CA MET C 172 -9.07 6.17 -15.41
C MET C 172 -9.51 4.75 -15.77
N ALA C 173 -8.89 3.76 -15.14
CA ALA C 173 -9.32 2.38 -15.29
C ALA C 173 -10.78 2.20 -14.90
N ASN C 174 -11.16 2.73 -13.74
CA ASN C 174 -12.54 2.57 -13.26
C ASN C 174 -13.55 3.08 -14.27
N GLU C 175 -13.28 4.27 -14.80
CA GLU C 175 -14.25 4.95 -15.66
C GLU C 175 -14.19 4.49 -17.10
N TRP C 176 -13.02 4.09 -17.58
CA TRP C 176 -12.86 3.81 -19.01
C TRP C 176 -12.79 2.32 -19.36
N ALA C 177 -12.75 1.45 -18.36
CA ALA C 177 -12.81 0.00 -18.61
C ALA C 177 -14.02 -0.38 -19.48
N LYS C 178 -15.12 0.37 -19.32
CA LYS C 178 -16.35 0.14 -20.12
C LYS C 178 -16.16 0.44 -21.61
N HIS C 179 -15.10 1.17 -21.96
CA HIS C 179 -14.79 1.47 -23.35
C HIS C 179 -13.73 0.53 -23.92
N GLY C 180 -13.46 -0.59 -23.24
CA GLY C 180 -12.39 -1.51 -23.64
C GLY C 180 -10.98 -0.95 -23.46
N ILE C 181 -10.82 -0.03 -22.52
CA ILE C 181 -9.55 0.68 -22.33
C ILE C 181 -8.88 0.20 -21.06
N ASN C 182 -7.62 -0.24 -21.16
CA ASN C 182 -6.80 -0.52 -19.99
C ASN C 182 -5.90 0.68 -19.71
N VAL C 183 -5.85 1.11 -18.45
CA VAL C 183 -4.94 2.15 -18.02
C VAL C 183 -4.16 1.60 -16.84
N ASN C 184 -2.85 1.47 -17.03
CA ASN C 184 -1.93 0.95 -16.03
C ASN C 184 -0.72 1.83 -16.00
N ALA C 185 0.18 1.58 -15.05
CA ALA C 185 1.41 2.32 -14.94
C ALA C 185 2.60 1.42 -14.69
N ILE C 186 3.76 1.87 -15.15
CA ILE C 186 5.05 1.31 -14.79
C ILE C 186 5.75 2.27 -13.86
N ALA C 187 6.22 1.74 -12.72
CA ALA C 187 7.07 2.50 -11.81
C ALA C 187 8.51 2.00 -11.94
N PRO C 188 9.32 2.72 -12.71
CA PRO C 188 10.74 2.34 -12.77
C PRO C 188 11.41 2.55 -11.43
N GLY C 189 12.41 1.74 -11.14
CA GLY C 189 13.28 1.95 -9.99
C GLY C 189 14.35 2.98 -10.29
N TYR C 190 15.55 2.74 -9.78
CA TYR C 190 16.71 3.59 -10.04
C TYR C 190 17.36 3.14 -11.33
N MET C 191 17.17 3.94 -12.38
CA MET C 191 17.59 3.57 -13.73
C MET C 191 18.80 4.38 -14.13
N ALA C 192 19.73 3.74 -14.83
CA ALA C 192 20.92 4.43 -15.34
C ALA C 192 20.57 5.19 -16.60
N THR C 193 20.17 6.46 -16.41
CA THR C 193 19.84 7.38 -17.49
C THR C 193 20.37 8.77 -17.10
N ASN C 194 20.11 9.76 -17.95
CA ASN C 194 20.47 11.16 -17.65
C ASN C 194 20.00 11.58 -16.26
N ASN C 195 18.78 11.17 -15.91
CA ASN C 195 18.15 11.60 -14.67
C ASN C 195 18.86 11.15 -13.39
N THR C 196 19.68 10.12 -13.46
CA THR C 196 20.45 9.64 -12.31
C THR C 196 21.97 9.83 -12.52
N GLN C 197 22.34 10.76 -13.39
CA GLN C 197 23.74 11.01 -13.75
C GLN C 197 24.56 11.43 -12.54
N GLN C 198 24.07 12.45 -11.82
CA GLN C 198 24.75 12.96 -10.63
C GLN C 198 24.89 11.90 -9.55
N LEU C 199 23.77 11.25 -9.24
CA LEU C 199 23.74 10.17 -8.25
C LEU C 199 24.82 9.12 -8.52
N ARG C 200 24.91 8.70 -9.77
CA ARG C 200 25.83 7.63 -10.15
C ARG C 200 27.28 8.11 -10.27
N ALA C 201 27.47 9.41 -10.43
CA ALA C 201 28.81 10.01 -10.40
C ALA C 201 29.39 9.96 -8.98
N ASP C 202 28.59 10.41 -8.01
CA ASP C 202 28.98 10.36 -6.60
C ASP C 202 29.05 8.90 -6.13
N GLU C 203 30.27 8.36 -6.05
CA GLU C 203 30.47 6.93 -5.80
C GLU C 203 30.09 6.44 -4.40
N GLU C 204 30.04 7.35 -3.42
CA GLU C 204 29.62 6.99 -2.06
C GLU C 204 28.11 6.71 -2.03
N ARG C 205 27.34 7.70 -2.47
CA ARG C 205 25.88 7.57 -2.53
C ARG C 205 25.45 6.50 -3.53
N SER C 206 26.15 6.44 -4.65
CA SER C 206 25.88 5.47 -5.71
C SER C 206 25.91 4.04 -5.16
N LYS C 207 26.96 3.70 -4.42
CA LYS C 207 27.12 2.37 -3.87
C LYS C 207 26.06 2.03 -2.80
N GLU C 208 25.72 3.00 -1.95
CA GLU C 208 24.80 2.74 -0.85
C GLU C 208 23.36 2.52 -1.34
N ILE C 209 22.98 3.18 -2.43
CA ILE C 209 21.69 2.91 -3.08
C ILE C 209 21.77 1.57 -3.81
N LEU C 210 22.86 1.36 -4.54
CA LEU C 210 23.09 0.10 -5.24
C LEU C 210 23.03 -1.09 -4.29
N ASP C 211 23.59 -0.94 -3.09
CA ASP C 211 23.55 -2.00 -2.06
C ASP C 211 22.12 -2.31 -1.58
N ARG C 212 21.20 -1.37 -1.77
CA ARG C 212 19.81 -1.54 -1.36
C ARG C 212 18.89 -1.96 -2.51
N ILE C 213 19.49 -2.23 -3.68
CA ILE C 213 18.76 -2.83 -4.80
C ILE C 213 19.11 -4.32 -4.83
N PRO C 214 18.16 -5.20 -4.48
CA PRO C 214 18.43 -6.64 -4.45
C PRO C 214 19.07 -7.18 -5.74
N ALA C 215 18.68 -6.64 -6.89
CA ALA C 215 19.26 -7.05 -8.18
C ALA C 215 20.76 -6.73 -8.28
N GLY C 216 21.24 -5.81 -7.45
CA GLY C 216 22.66 -5.44 -7.45
C GLY C 216 23.08 -4.61 -8.64
N ARG C 217 22.13 -4.02 -9.35
CA ARG C 217 22.44 -3.25 -10.53
C ARG C 217 21.41 -2.16 -10.76
N TRP C 218 21.83 -1.09 -11.42
CA TRP C 218 20.93 -0.06 -11.89
C TRP C 218 20.03 -0.64 -12.98
N GLY C 219 18.82 -0.12 -13.07
CA GLY C 219 17.92 -0.45 -14.17
C GLY C 219 18.36 0.27 -15.43
N LEU C 220 17.91 -0.22 -16.57
CA LEU C 220 18.27 0.34 -17.86
C LEU C 220 17.00 0.47 -18.69
N PRO C 221 17.00 1.34 -19.72
CA PRO C 221 15.84 1.45 -20.59
C PRO C 221 15.36 0.11 -21.15
N GLN C 222 16.29 -0.81 -21.39
CA GLN C 222 15.93 -2.12 -21.95
C GLN C 222 15.05 -2.91 -20.99
N ASP C 223 15.20 -2.67 -19.67
CA ASP C 223 14.37 -3.30 -18.65
C ASP C 223 12.88 -2.95 -18.76
N LEU C 224 12.56 -1.84 -19.43
CA LEU C 224 11.16 -1.42 -19.61
C LEU C 224 10.55 -1.88 -20.93
N MET C 225 11.34 -2.50 -21.80
CA MET C 225 10.81 -2.97 -23.08
C MET C 225 9.76 -4.06 -22.88
N GLY C 226 10.12 -5.10 -22.12
CA GLY C 226 9.22 -6.21 -21.87
C GLY C 226 7.95 -5.78 -21.15
N PRO C 227 8.11 -5.10 -20.01
CA PRO C 227 6.90 -4.69 -19.29
C PRO C 227 5.98 -3.75 -20.07
N SER C 228 6.54 -2.89 -20.92
CA SER C 228 5.73 -1.97 -21.72
C SER C 228 4.99 -2.71 -22.83
N VAL C 229 5.67 -3.65 -23.50
CA VAL C 229 5.00 -4.49 -24.50
C VAL C 229 3.87 -5.27 -23.83
N PHE C 230 4.18 -5.91 -22.70
CA PHE C 230 3.19 -6.62 -21.90
C PHE C 230 1.94 -5.79 -21.61
N LEU C 231 2.12 -4.59 -21.04
CA LEU C 231 0.98 -3.71 -20.73
C LEU C 231 0.30 -3.09 -21.94
N ALA C 232 0.98 -3.12 -23.09
CA ALA C 232 0.43 -2.62 -24.34
C ALA C 232 -0.33 -3.69 -25.11
N SER C 233 -0.30 -4.93 -24.63
CA SER C 233 -0.74 -6.08 -25.42
C SER C 233 -1.96 -6.78 -24.81
N SER C 234 -2.57 -7.64 -25.59
CA SER C 234 -3.72 -8.41 -25.13
C SER C 234 -3.36 -9.38 -23.98
N ALA C 235 -2.07 -9.65 -23.78
CA ALA C 235 -1.59 -10.49 -22.67
C ALA C 235 -1.84 -9.92 -21.27
N SER C 236 -2.18 -8.63 -21.19
CA SER C 236 -2.45 -7.99 -19.90
C SER C 236 -3.88 -7.47 -19.81
N ASP C 237 -4.80 -8.05 -20.57
CA ASP C 237 -6.16 -7.54 -20.67
C ASP C 237 -6.96 -7.43 -19.36
N TYR C 238 -6.71 -8.32 -18.40
CA TYR C 238 -7.42 -8.29 -17.11
C TYR C 238 -6.61 -7.56 -16.05
N ILE C 239 -5.57 -6.86 -16.47
CA ILE C 239 -4.86 -5.93 -15.58
C ILE C 239 -5.38 -4.54 -15.90
N ASN C 240 -5.88 -3.84 -14.89
CA ASN C 240 -6.40 -2.49 -15.13
C ASN C 240 -6.32 -1.65 -13.88
N GLY C 241 -5.80 -0.43 -14.04
CA GLY C 241 -5.70 0.53 -12.95
C GLY C 241 -4.52 0.25 -12.03
N TYR C 242 -3.58 -0.58 -12.46
CA TYR C 242 -2.53 -1.06 -11.56
C TYR C 242 -1.14 -0.52 -11.93
N THR C 243 -0.31 -0.36 -10.91
CA THR C 243 1.06 0.08 -11.08
C THR C 243 2.02 -1.08 -10.83
N ILE C 244 2.88 -1.35 -11.81
CA ILE C 244 3.86 -2.44 -11.72
C ILE C 244 5.24 -1.82 -11.53
N ALA C 245 5.91 -2.16 -10.42
CA ALA C 245 7.26 -1.68 -10.16
C ALA C 245 8.25 -2.52 -10.98
N VAL C 246 9.14 -1.82 -11.69
CA VAL C 246 10.25 -2.44 -12.44
C VAL C 246 11.50 -1.84 -11.83
N ASP C 247 11.89 -2.41 -10.68
CA ASP C 247 12.79 -1.74 -9.75
C ASP C 247 13.88 -2.63 -9.15
N GLY C 248 14.09 -3.82 -9.71
CA GLY C 248 15.14 -4.72 -9.20
C GLY C 248 14.99 -5.15 -7.75
N GLY C 249 13.78 -4.99 -7.19
CA GLY C 249 13.51 -5.32 -5.80
C GLY C 249 13.55 -4.16 -4.83
N TRP C 250 13.70 -2.92 -5.32
CA TRP C 250 13.80 -1.75 -4.44
C TRP C 250 12.71 -1.71 -3.36
N LEU C 251 11.45 -1.83 -3.79
CA LEU C 251 10.33 -1.75 -2.84
C LEU C 251 10.23 -2.99 -1.94
N ALA C 252 10.85 -4.09 -2.35
CA ALA C 252 10.78 -5.33 -1.59
C ALA C 252 11.67 -5.32 -0.36
N ARG C 253 12.75 -4.55 -0.38
CA ARG C 253 13.82 -4.67 0.61
C ARG C 253 13.40 -4.13 1.98
N MET D 1 15.67 -8.67 -30.03
CA MET D 1 14.25 -8.40 -30.39
C MET D 1 13.35 -8.82 -29.24
N ILE D 2 12.53 -7.88 -28.77
CA ILE D 2 11.86 -8.05 -27.47
C ILE D 2 10.89 -9.23 -27.41
N LEU D 3 10.25 -9.58 -28.52
CA LEU D 3 9.32 -10.71 -28.50
C LEU D 3 10.01 -12.04 -28.15
N ASN D 4 11.30 -12.15 -28.49
CA ASN D 4 12.09 -13.32 -28.08
C ASN D 4 12.22 -13.46 -26.55
N SER D 5 12.10 -12.36 -25.82
CA SER D 5 12.21 -12.39 -24.35
C SER D 5 11.08 -13.14 -23.67
N PHE D 6 9.91 -13.20 -24.31
CA PHE D 6 8.75 -13.90 -23.76
C PHE D 6 8.78 -15.40 -24.07
N ASP D 7 9.69 -15.80 -24.95
CA ASP D 7 9.77 -17.18 -25.42
C ASP D 7 10.42 -18.07 -24.37
N LEU D 8 9.68 -19.09 -23.93
CA LEU D 8 10.13 -20.03 -22.89
C LEU D 8 10.55 -21.40 -23.45
N GLN D 9 10.94 -21.43 -24.72
CA GLN D 9 11.49 -22.64 -25.32
C GLN D 9 12.62 -23.22 -24.46
N GLY D 10 12.54 -24.51 -24.18
CA GLY D 10 13.59 -25.19 -23.42
C GLY D 10 13.49 -25.05 -21.91
N LYS D 11 12.50 -24.32 -21.41
CA LYS D 11 12.33 -24.13 -19.97
C LYS D 11 11.50 -25.26 -19.39
N VAL D 12 11.71 -25.54 -18.11
CA VAL D 12 10.89 -26.49 -17.36
C VAL D 12 10.19 -25.74 -16.22
N ALA D 13 8.87 -25.89 -16.14
CA ALA D 13 8.03 -25.18 -15.17
C ALA D 13 7.31 -26.17 -14.27
N LEU D 14 7.49 -26.02 -12.97
CA LEU D 14 6.78 -26.82 -11.98
C LEU D 14 5.61 -25.99 -11.45
N ILE D 15 4.39 -26.46 -11.69
CA ILE D 15 3.18 -25.80 -11.21
C ILE D 15 2.45 -26.74 -10.26
N THR D 16 2.19 -26.28 -9.04
CA THR D 16 1.43 -27.03 -8.05
C THR D 16 -0.07 -26.69 -8.20
N GLY D 17 -0.91 -27.70 -8.10
CA GLY D 17 -2.37 -27.55 -8.25
C GLY D 17 -2.81 -27.08 -9.63
N CYS D 18 -2.50 -27.85 -10.67
CA CYS D 18 -2.83 -27.45 -12.04
C CYS D 18 -3.78 -28.43 -12.76
N ASP D 19 -4.57 -29.17 -11.97
CA ASP D 19 -5.58 -30.06 -12.55
C ASP D 19 -6.78 -29.28 -13.05
N THR D 20 -6.99 -28.09 -12.52
CA THR D 20 -8.17 -27.30 -12.86
C THR D 20 -7.99 -25.80 -12.61
N GLY D 21 -9.03 -25.04 -12.92
CA GLY D 21 -9.08 -23.59 -12.63
C GLY D 21 -7.86 -22.81 -13.07
N LEU D 22 -7.37 -21.95 -12.17
CA LEU D 22 -6.29 -21.02 -12.50
C LEU D 22 -4.99 -21.75 -12.78
N GLY D 23 -4.68 -22.77 -12.00
CA GLY D 23 -3.41 -23.49 -12.15
C GLY D 23 -3.33 -24.19 -13.50
N GLN D 24 -4.46 -24.72 -13.94
CA GLN D 24 -4.53 -25.36 -15.25
C GLN D 24 -4.25 -24.35 -16.35
N GLY D 25 -4.87 -23.18 -16.24
CA GLY D 25 -4.64 -22.09 -17.18
C GLY D 25 -3.17 -21.71 -17.28
N MET D 26 -2.52 -21.51 -16.14
CA MET D 26 -1.12 -21.10 -16.13
C MET D 26 -0.20 -22.18 -16.72
N ALA D 27 -0.44 -23.44 -16.38
CA ALA D 27 0.34 -24.56 -16.93
C ALA D 27 0.24 -24.61 -18.45
N ILE D 28 -0.98 -24.52 -18.96
CA ILE D 28 -1.21 -24.51 -20.42
C ILE D 28 -0.57 -23.30 -21.10
N GLY D 29 -0.70 -22.12 -20.50
CA GLY D 29 -0.05 -20.93 -21.04
C GLY D 29 1.46 -21.06 -21.05
N LEU D 30 2.02 -21.61 -19.97
CA LEU D 30 3.47 -21.77 -19.90
C LEU D 30 3.94 -22.76 -20.97
N ALA D 31 3.13 -23.78 -21.20
CA ALA D 31 3.40 -24.79 -22.23
C ALA D 31 3.32 -24.22 -23.63
N GLN D 32 2.34 -23.35 -23.89
CA GLN D 32 2.22 -22.66 -25.17
C GLN D 32 3.41 -21.74 -25.44
N ALA D 33 4.02 -21.23 -24.38
CA ALA D 33 5.20 -20.38 -24.52
C ALA D 33 6.51 -21.18 -24.66
N GLY D 34 6.42 -22.50 -24.56
CA GLY D 34 7.55 -23.40 -24.82
C GLY D 34 7.97 -24.30 -23.67
N CYS D 35 7.29 -24.20 -22.52
CA CYS D 35 7.67 -24.98 -21.33
C CYS D 35 7.21 -26.42 -21.33
N ASP D 36 8.10 -27.31 -20.90
CA ASP D 36 7.68 -28.61 -20.41
C ASP D 36 7.23 -28.38 -18.98
N ILE D 37 6.25 -29.18 -18.56
CA ILE D 37 5.56 -28.94 -17.30
C ILE D 37 5.78 -30.10 -16.34
N VAL D 38 6.03 -29.76 -15.07
CA VAL D 38 5.94 -30.72 -13.98
C VAL D 38 4.75 -30.32 -13.11
N GLY D 39 3.74 -31.17 -13.04
CA GLY D 39 2.58 -30.94 -12.20
C GLY D 39 2.76 -31.61 -10.85
N VAL D 40 2.28 -30.95 -9.80
CA VAL D 40 2.09 -31.60 -8.49
C VAL D 40 0.65 -31.39 -8.05
N ASN D 41 -0.07 -32.50 -7.85
CA ASN D 41 -1.51 -32.48 -7.63
C ASN D 41 -2.00 -33.54 -6.65
N ILE D 42 -3.23 -33.36 -6.18
CA ILE D 42 -3.93 -34.33 -5.33
C ILE D 42 -4.70 -35.32 -6.19
N VAL D 43 -5.12 -34.88 -7.38
CA VAL D 43 -5.78 -35.75 -8.35
C VAL D 43 -5.15 -35.58 -9.73
N GLU D 44 -5.14 -36.66 -10.51
CA GLU D 44 -4.44 -36.69 -11.79
C GLU D 44 -5.01 -35.60 -12.70
N PRO D 45 -4.13 -34.72 -13.23
CA PRO D 45 -4.59 -33.65 -14.11
C PRO D 45 -4.76 -34.15 -15.54
N LYS D 46 -5.77 -34.99 -15.76
CA LYS D 46 -5.95 -35.66 -17.06
C LYS D 46 -6.12 -34.64 -18.20
N ASP D 47 -7.05 -33.71 -18.01
CA ASP D 47 -7.32 -32.67 -19.02
C ASP D 47 -6.09 -31.81 -19.30
N THR D 48 -5.39 -31.40 -18.25
CA THR D 48 -4.20 -30.57 -18.41
C THR D 48 -3.12 -31.33 -19.17
N ILE D 49 -2.96 -32.61 -18.84
CA ILE D 49 -1.99 -33.46 -19.52
C ILE D 49 -2.28 -33.54 -21.03
N GLU D 50 -3.54 -33.76 -21.38
CA GLU D 50 -3.94 -33.81 -22.80
C GLU D 50 -3.55 -32.53 -23.53
N LYS D 51 -3.87 -31.39 -22.93
CA LYS D 51 -3.67 -30.10 -23.59
C LYS D 51 -2.19 -29.74 -23.71
N VAL D 52 -1.41 -30.09 -22.69
CA VAL D 52 0.03 -29.84 -22.74
C VAL D 52 0.70 -30.77 -23.77
N THR D 53 0.29 -32.03 -23.79
CA THR D 53 0.83 -32.99 -24.76
C THR D 53 0.44 -32.64 -26.19
N ALA D 54 -0.80 -32.18 -26.39
CA ALA D 54 -1.28 -31.74 -27.72
C ALA D 54 -0.45 -30.60 -28.32
N LEU D 55 0.17 -29.80 -27.45
CA LEU D 55 1.08 -28.75 -27.90
C LEU D 55 2.47 -29.30 -28.28
N GLY D 56 2.69 -30.59 -28.02
CA GLY D 56 3.98 -31.22 -28.29
C GLY D 56 4.95 -31.06 -27.14
N ARG D 57 4.42 -30.67 -25.97
CA ARG D 57 5.25 -30.49 -24.79
C ARG D 57 5.07 -31.68 -23.87
N ARG D 58 6.05 -31.89 -23.00
CA ARG D 58 6.04 -33.00 -22.06
C ARG D 58 5.40 -32.56 -20.75
N PHE D 59 4.70 -33.50 -20.12
CA PHE D 59 4.09 -33.28 -18.81
C PHE D 59 4.46 -34.41 -17.87
N LEU D 60 5.20 -34.09 -16.82
CA LEU D 60 5.49 -35.02 -15.74
C LEU D 60 4.46 -34.80 -14.64
N SER D 61 3.61 -35.80 -14.40
CA SER D 61 2.55 -35.69 -13.42
C SER D 61 2.94 -36.34 -12.09
N LEU D 62 3.27 -35.50 -11.09
CA LEU D 62 3.56 -35.98 -9.74
C LEU D 62 2.34 -35.81 -8.84
N THR D 63 2.12 -36.80 -7.97
CA THR D 63 0.98 -36.81 -7.07
C THR D 63 1.46 -36.74 -5.63
N ALA D 64 1.05 -35.71 -4.89
CA ALA D 64 1.47 -35.53 -3.50
C ALA D 64 0.62 -34.49 -2.77
N ASP D 65 0.57 -34.59 -1.45
CA ASP D 65 -0.01 -33.54 -0.61
C ASP D 65 1.05 -32.48 -0.37
N MET D 66 0.86 -31.31 -0.96
CA MET D 66 1.85 -30.24 -0.92
C MET D 66 2.13 -29.74 0.50
N SER D 67 1.17 -29.92 1.41
CA SER D 67 1.34 -29.54 2.82
C SER D 67 2.45 -30.33 3.52
N ASN D 68 2.76 -31.51 3.02
CA ASN D 68 3.85 -32.32 3.56
C ASN D 68 5.20 -31.78 3.11
N VAL D 69 5.78 -30.90 3.93
CA VAL D 69 7.02 -30.23 3.56
C VAL D 69 8.23 -31.17 3.47
N SER D 70 8.19 -32.29 4.17
CA SER D 70 9.29 -33.26 4.12
C SER D 70 9.38 -33.95 2.74
N GLY D 71 8.30 -33.92 1.97
CA GLY D 71 8.26 -34.54 0.64
C GLY D 71 8.69 -33.67 -0.53
N HIS D 72 8.97 -32.40 -0.28
CA HIS D 72 9.28 -31.45 -1.35
C HIS D 72 10.58 -31.77 -2.08
N ALA D 73 11.62 -32.13 -1.34
CA ALA D 73 12.92 -32.40 -1.94
C ALA D 73 12.81 -33.50 -3.00
N GLU D 74 12.05 -34.55 -2.67
CA GLU D 74 11.79 -35.67 -3.58
C GLU D 74 11.09 -35.22 -4.86
N LEU D 75 10.07 -34.36 -4.72
CA LEU D 75 9.35 -33.85 -5.88
C LEU D 75 10.28 -33.15 -6.86
N VAL D 76 11.19 -32.33 -6.35
CA VAL D 76 12.14 -31.63 -7.20
C VAL D 76 13.16 -32.62 -7.79
N GLU D 77 13.60 -33.57 -6.97
CA GLU D 77 14.49 -34.64 -7.44
C GLU D 77 13.91 -35.37 -8.65
N LYS D 78 12.63 -35.73 -8.56
CA LYS D 78 11.92 -36.40 -9.67
C LYS D 78 11.93 -35.55 -10.94
N ALA D 79 11.60 -34.27 -10.80
CA ALA D 79 11.62 -33.35 -11.93
C ALA D 79 12.99 -33.26 -12.60
N VAL D 80 14.05 -33.23 -11.79
CA VAL D 80 15.41 -33.08 -12.30
C VAL D 80 15.87 -34.35 -13.01
N ALA D 81 15.48 -35.50 -12.48
CA ALA D 81 15.79 -36.80 -13.11
C ALA D 81 15.14 -36.94 -14.49
N GLU D 82 13.95 -36.35 -14.65
CA GLU D 82 13.18 -36.48 -15.87
C GLU D 82 13.55 -35.43 -16.92
N PHE D 83 13.75 -34.19 -16.48
CA PHE D 83 14.00 -33.07 -17.41
C PHE D 83 15.40 -32.47 -17.32
N GLY D 84 16.16 -32.82 -16.28
CA GLY D 84 17.53 -32.32 -16.13
C GLY D 84 17.64 -31.00 -15.38
N HIS D 85 16.53 -30.26 -15.32
CA HIS D 85 16.52 -28.95 -14.69
C HIS D 85 15.10 -28.47 -14.39
N VAL D 86 15.01 -27.50 -13.48
CA VAL D 86 13.77 -26.77 -13.19
C VAL D 86 14.10 -25.29 -13.23
N ASP D 87 13.34 -24.52 -14.00
CA ASP D 87 13.63 -23.10 -14.22
C ASP D 87 12.56 -22.18 -13.65
N ILE D 88 11.36 -22.71 -13.47
CA ILE D 88 10.18 -21.94 -13.10
C ILE D 88 9.33 -22.70 -12.08
N LEU D 89 8.90 -22.02 -11.02
CA LEU D 89 7.99 -22.57 -10.03
C LEU D 89 6.77 -21.66 -9.93
N VAL D 90 5.57 -22.25 -9.97
CA VAL D 90 4.32 -21.53 -9.68
C VAL D 90 3.64 -22.19 -8.48
N ASN D 91 3.56 -21.47 -7.36
CA ASN D 91 3.01 -22.04 -6.13
C ASN D 91 1.51 -21.81 -6.04
N ASN D 92 0.73 -22.55 -6.83
CA ASN D 92 -0.70 -22.29 -6.95
C ASN D 92 -1.60 -23.13 -6.04
N ALA D 93 -1.11 -24.29 -5.60
CA ALA D 93 -1.87 -25.15 -4.72
C ALA D 93 -2.29 -24.39 -3.47
N GLY D 94 -3.60 -24.39 -3.20
CA GLY D 94 -4.15 -23.66 -2.06
C GLY D 94 -5.59 -24.03 -1.80
N ILE D 95 -6.07 -23.68 -0.61
CA ILE D 95 -7.45 -23.91 -0.20
C ILE D 95 -8.00 -22.71 0.55
N ILE D 96 -9.31 -22.74 0.77
CA ILE D 96 -10.03 -21.73 1.55
C ILE D 96 -11.06 -22.42 2.46
N ARG D 97 -11.25 -21.86 3.65
CA ARG D 97 -12.25 -22.34 4.60
C ARG D 97 -13.08 -21.16 5.12
N ARG D 98 -14.40 -21.27 5.00
CA ARG D 98 -15.31 -20.18 5.36
C ARG D 98 -16.06 -20.49 6.63
N GLU D 99 -15.93 -19.62 7.62
CA GLU D 99 -16.54 -19.81 8.94
C GLU D 99 -16.41 -18.48 9.67
N ASP D 100 -17.46 -18.09 10.41
CA ASP D 100 -17.45 -16.81 11.15
C ASP D 100 -16.19 -16.73 12.00
N ALA D 101 -15.51 -15.58 11.94
CA ALA D 101 -14.27 -15.44 12.68
C ALA D 101 -14.41 -15.80 14.16
N ILE D 102 -15.54 -15.43 14.75
CA ILE D 102 -15.77 -15.63 16.17
C ILE D 102 -15.86 -17.12 16.51
N GLU D 103 -16.23 -17.94 15.53
CA GLU D 103 -16.33 -19.40 15.71
C GLU D 103 -15.17 -20.21 15.14
N PHE D 104 -14.30 -19.58 14.38
CA PHE D 104 -13.29 -20.23 13.53
C PHE D 104 -12.50 -21.31 14.25
N SER D 105 -12.45 -22.50 13.66
CA SER D 105 -11.81 -23.62 14.30
C SER D 105 -10.32 -23.65 14.06
N GLU D 106 -9.61 -24.33 14.96
CA GLU D 106 -8.19 -24.54 14.79
C GLU D 106 -7.88 -25.33 13.52
N LYS D 107 -8.76 -26.28 13.17
CA LYS D 107 -8.60 -27.05 11.94
C LYS D 107 -8.63 -26.16 10.70
N ASN D 108 -9.61 -25.27 10.63
CA ASN D 108 -9.76 -24.36 9.49
C ASN D 108 -8.62 -23.34 9.42
N TRP D 109 -7.98 -23.06 10.55
CA TRP D 109 -6.75 -22.29 10.56
C TRP D 109 -5.56 -23.09 10.03
N ASP D 110 -5.23 -24.21 10.67
CA ASP D 110 -4.05 -24.98 10.33
C ASP D 110 -4.04 -25.49 8.89
N ASP D 111 -5.17 -26.02 8.44
CA ASP D 111 -5.23 -26.61 7.10
C ASP D 111 -4.89 -25.56 6.05
N VAL D 112 -5.45 -24.36 6.20
CA VAL D 112 -5.23 -23.30 5.22
C VAL D 112 -3.80 -22.74 5.29
N MET D 113 -3.32 -22.48 6.50
CA MET D 113 -1.99 -21.93 6.67
C MET D 113 -0.90 -22.92 6.20
N ASN D 114 -1.07 -24.19 6.55
CA ASN D 114 -0.11 -25.22 6.15
C ASN D 114 0.11 -25.26 4.64
N LEU D 115 -0.97 -25.13 3.89
CA LEU D 115 -0.89 -25.18 2.44
C LEU D 115 -0.58 -23.82 1.81
N ASN D 116 -1.35 -22.80 2.17
CA ASN D 116 -1.31 -21.51 1.49
C ASN D 116 -0.06 -20.66 1.74
N ILE D 117 0.57 -20.82 2.91
CA ILE D 117 1.81 -20.09 3.19
C ILE D 117 3.00 -20.98 3.58
N LYS D 118 2.83 -21.90 4.52
CA LYS D 118 3.97 -22.73 4.97
C LYS D 118 4.54 -23.56 3.80
N SER D 119 3.68 -24.30 3.11
CA SER D 119 4.15 -25.12 1.97
C SER D 119 4.71 -24.26 0.84
N VAL D 120 4.17 -23.05 0.67
CA VAL D 120 4.70 -22.13 -0.33
C VAL D 120 6.12 -21.71 0.01
N PHE D 121 6.38 -21.39 1.28
CA PHE D 121 7.73 -20.96 1.60
C PHE D 121 8.71 -22.12 1.38
N PHE D 122 8.33 -23.30 1.86
CA PHE D 122 9.25 -24.44 1.86
C PHE D 122 9.46 -25.04 0.47
N MET D 123 8.45 -24.99 -0.39
CA MET D 123 8.64 -25.40 -1.77
C MET D 123 9.53 -24.41 -2.53
N SER D 124 9.34 -23.12 -2.27
CA SER D 124 10.18 -22.10 -2.86
C SER D 124 11.64 -22.31 -2.47
N GLN D 125 11.87 -22.64 -1.19
CA GLN D 125 13.20 -22.93 -0.67
C GLN D 125 13.82 -24.12 -1.41
N THR D 126 13.03 -25.18 -1.52
CA THR D 126 13.45 -26.44 -2.14
C THR D 126 13.85 -26.22 -3.59
N VAL D 127 13.01 -25.51 -4.34
CA VAL D 127 13.31 -25.19 -5.72
C VAL D 127 14.46 -24.20 -5.85
N ALA D 128 14.53 -23.22 -4.94
CA ALA D 128 15.64 -22.27 -4.94
C ALA D 128 16.99 -22.96 -4.82
N ARG D 129 17.08 -23.93 -3.93
CA ARG D 129 18.29 -24.75 -3.79
C ARG D 129 18.68 -25.36 -5.14
N GLN D 130 17.70 -25.90 -5.85
CA GLN D 130 17.93 -26.46 -7.18
C GLN D 130 18.37 -25.39 -8.19
N PHE D 131 17.72 -24.23 -8.17
CA PHE D 131 18.14 -23.11 -9.01
C PHE D 131 19.60 -22.78 -8.76
N ILE D 132 19.98 -22.80 -7.48
CA ILE D 132 21.34 -22.42 -7.07
C ILE D 132 22.35 -23.46 -7.56
N LYS D 133 21.99 -24.73 -7.44
CA LYS D 133 22.83 -25.84 -7.90
C LYS D 133 23.09 -25.72 -9.40
N GLN D 134 22.03 -25.39 -10.17
CA GLN D 134 22.13 -25.27 -11.63
C GLN D 134 22.94 -24.04 -12.07
N GLY D 135 22.86 -22.97 -11.29
CA GLY D 135 23.67 -21.78 -11.53
C GLY D 135 23.23 -20.87 -12.66
N LYS D 136 21.99 -21.03 -13.14
CA LYS D 136 21.47 -20.15 -14.21
C LYS D 136 20.22 -19.38 -13.78
N GLY D 137 20.04 -19.21 -12.47
CA GLY D 137 18.92 -18.43 -11.94
C GLY D 137 17.62 -19.18 -12.00
N GLY D 138 16.51 -18.43 -11.94
CA GLY D 138 15.21 -19.07 -11.92
C GLY D 138 14.09 -18.08 -11.64
N LYS D 139 12.87 -18.58 -11.75
CA LYS D 139 11.67 -17.79 -11.56
C LYS D 139 10.75 -18.49 -10.56
N ILE D 140 10.24 -17.74 -9.60
CA ILE D 140 9.15 -18.21 -8.74
C ILE D 140 7.99 -17.22 -8.88
N ILE D 141 6.79 -17.78 -9.04
CA ILE D 141 5.55 -17.02 -9.10
C ILE D 141 4.62 -17.54 -8.03
N ASN D 142 4.37 -16.72 -7.00
CA ASN D 142 3.40 -17.07 -5.98
C ASN D 142 2.04 -16.51 -6.34
N ILE D 143 1.01 -17.03 -5.69
CA ILE D 143 -0.35 -16.64 -5.97
C ILE D 143 -0.93 -15.96 -4.73
N ALA D 144 -1.05 -14.64 -4.84
CA ALA D 144 -1.64 -13.82 -3.80
C ALA D 144 -3.15 -13.77 -4.00
N SER D 145 -3.82 -12.71 -3.55
CA SER D 145 -5.27 -12.61 -3.56
C SER D 145 -5.65 -11.15 -3.40
N MET D 146 -6.89 -10.80 -3.71
CA MET D 146 -7.44 -9.51 -3.27
C MET D 146 -7.38 -9.42 -1.75
N LEU D 147 -7.47 -10.56 -1.06
CA LEU D 147 -7.35 -10.60 0.39
C LEU D 147 -5.90 -10.56 0.90
N SER D 148 -4.94 -10.29 0.02
CA SER D 148 -3.62 -9.81 0.43
C SER D 148 -3.64 -8.31 0.73
N PHE D 149 -4.66 -7.63 0.17
CA PHE D 149 -4.83 -6.16 0.25
C PHE D 149 -6.00 -5.72 1.14
N GLN D 150 -7.08 -6.50 1.11
CA GLN D 150 -8.32 -6.25 1.84
C GLN D 150 -8.52 -7.40 2.81
N GLY D 151 -9.38 -7.19 3.80
CA GLY D 151 -9.61 -8.20 4.83
C GLY D 151 -10.54 -9.31 4.45
N GLY D 152 -11.64 -8.97 3.77
CA GLY D 152 -12.71 -9.92 3.55
C GLY D 152 -13.37 -10.36 4.84
N ILE D 153 -14.24 -11.37 4.75
CA ILE D 153 -14.95 -11.87 5.91
C ILE D 153 -15.00 -13.40 5.90
N ARG D 154 -15.01 -13.98 7.10
CA ARG D 154 -15.23 -15.41 7.32
C ARG D 154 -14.09 -16.31 6.82
N VAL D 155 -12.94 -15.74 6.47
CA VAL D 155 -11.80 -16.50 6.01
C VAL D 155 -10.47 -16.05 6.66
N PRO D 156 -10.44 -15.99 8.01
CA PRO D 156 -9.25 -15.43 8.67
C PRO D 156 -7.95 -16.09 8.24
N SER D 157 -7.90 -17.41 8.17
CA SER D 157 -6.68 -18.09 7.79
C SER D 157 -6.31 -17.88 6.31
N TYR D 158 -7.29 -17.65 5.45
CA TYR D 158 -7.01 -17.32 4.05
C TYR D 158 -6.42 -15.92 3.92
N THR D 159 -7.06 -14.95 4.56
CA THR D 159 -6.49 -13.59 4.56
C THR D 159 -5.09 -13.55 5.15
N ALA D 160 -4.91 -14.26 6.27
CA ALA D 160 -3.60 -14.35 6.89
C ALA D 160 -2.57 -14.95 5.93
N SER D 161 -2.89 -16.09 5.33
CA SER D 161 -1.96 -16.77 4.45
C SER D 161 -1.62 -15.94 3.21
N LYS D 162 -2.64 -15.33 2.59
CA LYS D 162 -2.40 -14.57 1.36
C LYS D 162 -1.69 -13.24 1.59
N SER D 163 -1.92 -12.62 2.75
CA SER D 163 -1.16 -11.43 3.15
C SER D 163 0.30 -11.83 3.39
N ALA D 164 0.48 -12.97 4.06
CA ALA D 164 1.81 -13.53 4.26
C ALA D 164 2.52 -13.84 2.95
N VAL D 165 1.78 -14.35 1.97
CA VAL D 165 2.36 -14.61 0.64
C VAL D 165 2.96 -13.34 0.04
N MET D 166 2.21 -12.24 0.08
CA MET D 166 2.70 -11.00 -0.47
C MET D 166 3.99 -10.59 0.23
N GLY D 167 4.03 -10.71 1.56
CA GLY D 167 5.20 -10.34 2.33
C GLY D 167 6.42 -11.21 2.08
N VAL D 168 6.23 -12.53 2.12
CA VAL D 168 7.35 -13.44 1.98
C VAL D 168 7.89 -13.39 0.54
N THR D 169 7.04 -13.10 -0.44
CA THR D 169 7.53 -12.81 -1.79
C THR D 169 8.57 -11.71 -1.81
N ARG D 170 8.35 -10.66 -1.02
CA ARG D 170 9.33 -9.59 -0.91
C ARG D 170 10.67 -10.10 -0.35
N LEU D 171 10.62 -10.87 0.74
CA LEU D 171 11.84 -11.33 1.39
C LEU D 171 12.63 -12.30 0.50
N MET D 172 11.93 -13.20 -0.18
CA MET D 172 12.59 -14.15 -1.09
C MET D 172 13.34 -13.42 -2.19
N ALA D 173 12.73 -12.40 -2.77
CA ALA D 173 13.40 -11.56 -3.77
C ALA D 173 14.63 -10.87 -3.19
N ASN D 174 14.50 -10.36 -1.97
CA ASN D 174 15.62 -9.68 -1.34
C ASN D 174 16.81 -10.60 -1.19
N GLU D 175 16.57 -11.81 -0.70
CA GLU D 175 17.63 -12.75 -0.35
C GLU D 175 18.17 -13.52 -1.54
N TRP D 176 17.32 -13.81 -2.53
CA TRP D 176 17.70 -14.71 -3.61
C TRP D 176 17.94 -14.02 -4.97
N ALA D 177 17.72 -12.71 -5.03
CA ALA D 177 18.08 -11.96 -6.24
C ALA D 177 19.56 -12.17 -6.60
N LYS D 178 20.41 -12.32 -5.60
CA LYS D 178 21.85 -12.55 -5.82
C LYS D 178 22.16 -13.93 -6.44
N HIS D 179 21.17 -14.83 -6.40
CA HIS D 179 21.28 -16.13 -7.08
C HIS D 179 20.62 -16.09 -8.45
N GLY D 180 20.34 -14.89 -8.97
CA GLY D 180 19.65 -14.72 -10.25
C GLY D 180 18.20 -15.16 -10.24
N ILE D 181 17.58 -15.19 -9.06
CA ILE D 181 16.21 -15.68 -8.91
C ILE D 181 15.25 -14.49 -8.79
N ASN D 182 14.19 -14.49 -9.59
CA ASN D 182 13.08 -13.55 -9.45
C ASN D 182 11.94 -14.23 -8.73
N VAL D 183 11.45 -13.60 -7.66
CA VAL D 183 10.29 -14.09 -6.96
C VAL D 183 9.25 -12.98 -6.97
N ASN D 184 8.13 -13.25 -7.64
CA ASN D 184 7.03 -12.31 -7.77
C ASN D 184 5.72 -13.04 -7.50
N ALA D 185 4.62 -12.29 -7.46
CA ALA D 185 3.31 -12.87 -7.23
C ALA D 185 2.26 -12.27 -8.15
N ILE D 186 1.27 -13.11 -8.46
CA ILE D 186 0.04 -12.71 -9.14
C ILE D 186 -1.09 -12.72 -8.13
N ALA D 187 -1.80 -11.59 -8.03
CA ALA D 187 -3.00 -11.50 -7.22
C ALA D 187 -4.23 -11.54 -8.12
N PRO D 188 -4.82 -12.73 -8.30
CA PRO D 188 -6.04 -12.77 -9.09
C PRO D 188 -7.16 -12.01 -8.41
N GLY D 189 -8.04 -11.43 -9.21
CA GLY D 189 -9.28 -10.83 -8.70
C GLY D 189 -10.33 -11.89 -8.48
N TYR D 190 -11.59 -11.57 -8.77
CA TYR D 190 -12.67 -12.56 -8.67
C TYR D 190 -12.69 -13.37 -9.96
N MET D 191 -12.20 -14.61 -9.87
CA MET D 191 -12.08 -15.48 -11.04
C MET D 191 -13.15 -16.57 -11.01
N ALA D 192 -13.64 -16.91 -12.20
CA ALA D 192 -14.66 -17.95 -12.35
C ALA D 192 -13.99 -19.32 -12.23
N THR D 193 -13.95 -19.85 -11.00
CA THR D 193 -13.38 -21.16 -10.72
C THR D 193 -14.21 -21.82 -9.61
N ASN D 194 -13.76 -22.98 -9.14
CA ASN D 194 -14.46 -23.70 -8.06
C ASN D 194 -14.55 -22.90 -6.76
N ASN D 195 -13.55 -22.06 -6.50
CA ASN D 195 -13.54 -21.21 -5.30
C ASN D 195 -14.75 -20.29 -5.20
N THR D 196 -15.07 -19.60 -6.29
CA THR D 196 -16.19 -18.65 -6.33
C THR D 196 -17.50 -19.32 -6.74
N GLN D 197 -17.65 -20.61 -6.48
CA GLN D 197 -18.84 -21.36 -6.86
C GLN D 197 -20.09 -20.83 -6.14
N GLN D 198 -19.97 -20.69 -4.81
CA GLN D 198 -21.05 -20.19 -3.98
C GLN D 198 -21.46 -18.77 -4.39
N LEU D 199 -20.47 -17.90 -4.48
CA LEU D 199 -20.68 -16.49 -4.83
C LEU D 199 -21.44 -16.32 -6.14
N ARG D 200 -20.96 -16.98 -7.19
CA ARG D 200 -21.51 -16.80 -8.54
C ARG D 200 -22.91 -17.39 -8.72
N ALA D 201 -23.27 -18.36 -7.88
CA ALA D 201 -24.63 -18.88 -7.85
C ALA D 201 -25.59 -17.84 -7.28
N ASP D 202 -25.26 -17.32 -6.10
CA ASP D 202 -26.05 -16.27 -5.43
C ASP D 202 -26.19 -15.06 -6.35
N GLU D 203 -27.40 -14.85 -6.88
CA GLU D 203 -27.65 -13.84 -7.91
C GLU D 203 -27.46 -12.41 -7.40
N GLU D 204 -27.88 -12.15 -6.17
CA GLU D 204 -27.77 -10.81 -5.58
C GLU D 204 -26.33 -10.44 -5.27
N ARG D 205 -25.61 -11.34 -4.60
CA ARG D 205 -24.18 -11.14 -4.32
C ARG D 205 -23.37 -11.02 -5.60
N SER D 206 -23.67 -11.87 -6.57
CA SER D 206 -22.96 -11.90 -7.86
C SER D 206 -23.01 -10.55 -8.57
N LYS D 207 -24.21 -10.00 -8.68
CA LYS D 207 -24.39 -8.69 -9.30
C LYS D 207 -23.68 -7.59 -8.50
N GLU D 208 -23.74 -7.68 -7.17
CA GLU D 208 -23.11 -6.69 -6.31
C GLU D 208 -21.59 -6.65 -6.53
N ILE D 209 -20.97 -7.81 -6.69
CA ILE D 209 -19.52 -7.89 -6.93
C ILE D 209 -19.17 -7.51 -8.36
N LEU D 210 -19.90 -8.06 -9.34
CA LEU D 210 -19.64 -7.72 -10.75
C LEU D 210 -19.71 -6.23 -11.04
N ASP D 211 -20.68 -5.55 -10.44
CA ASP D 211 -20.82 -4.10 -10.61
C ASP D 211 -19.64 -3.31 -10.04
N ARG D 212 -18.85 -3.95 -9.18
CA ARG D 212 -17.66 -3.33 -8.62
C ARG D 212 -16.36 -3.82 -9.29
N ILE D 213 -16.49 -4.59 -10.39
CA ILE D 213 -15.36 -4.96 -11.21
C ILE D 213 -15.44 -4.08 -12.46
N PRO D 214 -14.51 -3.14 -12.64
CA PRO D 214 -14.58 -2.24 -13.80
C PRO D 214 -14.66 -2.99 -15.13
N ALA D 215 -13.96 -4.11 -15.24
CA ALA D 215 -13.99 -4.95 -16.45
C ALA D 215 -15.39 -5.49 -16.76
N GLY D 216 -16.22 -5.61 -15.74
CA GLY D 216 -17.60 -6.02 -15.90
C GLY D 216 -17.78 -7.51 -16.17
N ARG D 217 -16.73 -8.29 -15.95
CA ARG D 217 -16.80 -9.74 -16.09
C ARG D 217 -15.91 -10.42 -15.07
N TRP D 218 -16.19 -11.67 -14.77
CA TRP D 218 -15.33 -12.46 -13.91
C TRP D 218 -14.03 -12.76 -14.65
N GLY D 219 -12.95 -12.92 -13.90
CA GLY D 219 -11.70 -13.36 -14.47
C GLY D 219 -11.77 -14.81 -14.91
N LEU D 220 -10.89 -15.18 -15.83
CA LEU D 220 -10.81 -16.53 -16.35
C LEU D 220 -9.39 -17.07 -16.19
N PRO D 221 -9.24 -18.41 -16.14
CA PRO D 221 -7.90 -18.97 -16.20
C PRO D 221 -7.07 -18.39 -17.33
N GLN D 222 -7.70 -18.10 -18.47
CA GLN D 222 -7.03 -17.52 -19.63
C GLN D 222 -6.37 -16.19 -19.30
N ASP D 223 -6.95 -15.43 -18.36
CA ASP D 223 -6.44 -14.12 -17.97
C ASP D 223 -5.10 -14.18 -17.23
N LEU D 224 -4.76 -15.34 -16.71
CA LEU D 224 -3.47 -15.51 -16.03
C LEU D 224 -2.37 -16.08 -16.94
N MET D 225 -2.70 -16.46 -18.18
CA MET D 225 -1.68 -17.00 -19.08
C MET D 225 -0.60 -16.00 -19.45
N GLY D 226 -1.00 -14.83 -19.95
CA GLY D 226 -0.06 -13.77 -20.31
C GLY D 226 0.79 -13.33 -19.13
N PRO D 227 0.14 -12.95 -18.01
CA PRO D 227 0.88 -12.54 -16.81
C PRO D 227 1.86 -13.58 -16.27
N SER D 228 1.47 -14.86 -16.25
CA SER D 228 2.35 -15.91 -15.75
C SER D 228 3.54 -16.15 -16.68
N VAL D 229 3.29 -16.15 -18.01
CA VAL D 229 4.39 -16.23 -18.99
C VAL D 229 5.32 -15.02 -18.87
N PHE D 230 4.73 -13.83 -18.71
CA PHE D 230 5.52 -12.61 -18.53
C PHE D 230 6.46 -12.74 -17.33
N LEU D 231 5.91 -13.16 -16.18
CA LEU D 231 6.70 -13.25 -14.94
C LEU D 231 7.65 -14.44 -14.92
N ALA D 232 7.42 -15.41 -15.80
CA ALA D 232 8.30 -16.57 -15.92
C ALA D 232 9.44 -16.35 -16.93
N SER D 233 9.46 -15.19 -17.57
CA SER D 233 10.34 -14.95 -18.72
C SER D 233 11.32 -13.80 -18.48
N SER D 234 12.29 -13.67 -19.38
CA SER D 234 13.32 -12.63 -19.29
C SER D 234 12.74 -11.24 -19.54
N ALA D 235 11.51 -11.18 -20.06
CA ALA D 235 10.82 -9.91 -20.28
C ALA D 235 10.49 -9.17 -18.98
N SER D 236 10.62 -9.87 -17.85
CA SER D 236 10.35 -9.27 -16.53
C SER D 236 11.56 -9.32 -15.58
N ASP D 237 12.77 -9.39 -16.14
CA ASP D 237 13.97 -9.60 -15.33
C ASP D 237 14.21 -8.57 -14.21
N TYR D 238 13.78 -7.33 -14.41
CA TYR D 238 13.99 -6.29 -13.40
C TYR D 238 12.76 -6.04 -12.52
N ILE D 239 11.78 -6.94 -12.62
CA ILE D 239 10.67 -7.00 -11.67
C ILE D 239 11.01 -8.07 -10.64
N ASN D 240 11.10 -7.69 -9.36
CA ASN D 240 11.41 -8.67 -8.33
C ASN D 240 10.77 -8.31 -7.00
N GLY D 241 10.18 -9.31 -6.34
CA GLY D 241 9.54 -9.13 -5.04
C GLY D 241 8.18 -8.45 -5.10
N TYR D 242 7.60 -8.38 -6.30
CA TYR D 242 6.42 -7.56 -6.53
C TYR D 242 5.17 -8.39 -6.81
N THR D 243 4.03 -7.90 -6.34
CA THR D 243 2.73 -8.52 -6.58
C THR D 243 1.95 -7.73 -7.62
N ILE D 244 1.53 -8.43 -8.67
CA ILE D 244 0.77 -7.82 -9.75
C ILE D 244 -0.68 -8.31 -9.70
N ALA D 245 -1.60 -7.38 -9.55
CA ALA D 245 -3.02 -7.69 -9.52
C ALA D 245 -3.54 -7.94 -10.94
N VAL D 246 -4.20 -9.08 -11.13
CA VAL D 246 -4.87 -9.40 -12.40
C VAL D 246 -6.32 -9.54 -12.02
N ASP D 247 -6.99 -8.39 -11.90
CA ASP D 247 -8.24 -8.28 -11.17
C ASP D 247 -9.33 -7.48 -11.88
N GLY D 248 -9.16 -7.15 -13.16
CA GLY D 248 -10.17 -6.41 -13.90
C GLY D 248 -10.47 -5.03 -13.35
N GLY D 249 -9.56 -4.50 -12.54
CA GLY D 249 -9.74 -3.19 -11.89
C GLY D 249 -10.32 -3.21 -10.48
N TRP D 250 -10.45 -4.39 -9.88
CA TRP D 250 -11.07 -4.48 -8.55
C TRP D 250 -10.45 -3.50 -7.55
N LEU D 251 -9.13 -3.55 -7.43
CA LEU D 251 -8.44 -2.72 -6.43
C LEU D 251 -8.46 -1.25 -6.81
N ALA D 252 -8.69 -0.96 -8.09
CA ALA D 252 -8.70 0.43 -8.56
C ALA D 252 -9.95 1.18 -8.13
N ARG D 253 -11.04 0.45 -7.90
CA ARG D 253 -12.34 1.08 -7.78
C ARG D 253 -12.51 1.87 -6.46
S SO4 E . -15.23 20.08 5.37
O1 SO4 E . -16.09 18.98 5.85
O2 SO4 E . -14.39 19.60 4.25
O3 SO4 E . -14.40 20.70 6.45
O4 SO4 E . -16.13 21.17 4.89
S SO4 F . 9.18 -6.50 23.11
O1 SO4 F . 8.85 -7.13 21.81
O2 SO4 F . 9.95 -7.49 23.91
O3 SO4 F . 10.03 -5.29 22.92
O4 SO4 F . 7.98 -6.19 23.90
S SO4 G . 13.57 9.47 -19.64
O1 SO4 G . 12.70 8.94 -20.74
O2 SO4 G . 14.51 8.41 -19.20
O3 SO4 G . 14.32 10.65 -20.12
O4 SO4 G . 12.72 9.89 -18.50
S SO4 H . -8.38 -22.07 -7.98
O1 SO4 H . -9.15 -23.18 -7.34
O2 SO4 H . -7.87 -22.52 -9.30
O3 SO4 H . -7.23 -21.73 -7.12
O4 SO4 H . -9.26 -20.87 -8.12
#